data_3FMI
#
_entry.id   3FMI
#
_cell.length_a   55.372
_cell.length_b   105.137
_cell.length_c   151.569
_cell.angle_alpha   90.00
_cell.angle_beta   90.00
_cell.angle_gamma   90.00
#
_symmetry.space_group_name_H-M   'P 21 21 21'
#
loop_
_entity.id
_entity.type
_entity.pdbx_description
1 polymer 'Dethiobiotin synthetase'
2 non-polymer 'SULFATE ION'
3 non-polymer '7-KETO-8-AMINOPELARGONIC ACID'
4 water water
#
_entity_poly.entity_id   1
_entity_poly.type   'polypeptide(L)'
_entity_poly.pdbx_seq_one_letter_code
;MGSSHHHHHHSSGLQGTENLYFQSHMTILVVTGTGTGVGKTVVCAALASAARQAGIDVAVCKPVQTGTARGDDDLAEVGR
LAGVTQLAGLARYPQPMAPAAAAEHAGMALPARDQIVRLIADLDRPGRLTLVEGAGGLLVELAEPGVTLRDVAVDVAAAA
LVVVTADLGTLNHTKLTLEALAAQQVS(CSX)AGLVIGSWPDPPGLVAASNRSALARIAMVRAALPAGAASLDAGDFAAM
SAAAFDRNWVAGLVG
;
_entity_poly.pdbx_strand_id   A,B,C,D
#
# COMPACT_ATOMS: atom_id res chain seq x y z
N TYR A 21 23.46 0.48 10.35
CA TYR A 21 21.98 0.35 10.33
C TYR A 21 21.40 0.92 11.61
N PHE A 22 22.18 1.78 12.26
CA PHE A 22 21.85 2.32 13.58
C PHE A 22 20.63 3.25 13.56
N GLN A 23 19.52 2.75 14.07
CA GLN A 23 18.39 3.61 14.26
C GLN A 23 18.42 4.18 15.69
N SER A 24 18.25 5.49 15.75
CA SER A 24 18.41 6.26 16.97
C SER A 24 17.14 6.30 17.81
N HIS A 25 16.02 5.84 17.24
CA HIS A 25 14.77 5.78 17.99
C HIS A 25 14.13 4.40 17.83
N MET A 26 13.08 4.17 18.62
CA MET A 26 12.34 2.92 18.58
C MET A 26 11.47 2.80 17.33
N THR A 27 11.21 1.55 16.94
CA THR A 27 10.14 1.26 16.00
C THR A 27 8.85 1.06 16.79
N ILE A 28 7.77 1.72 16.37
CA ILE A 28 6.48 1.52 17.03
C ILE A 28 5.49 0.79 16.10
N LEU A 29 4.87 -0.27 16.63
CA LEU A 29 3.74 -0.90 15.93
C LEU A 29 2.53 -0.86 16.82
N VAL A 30 1.42 -0.33 16.30
CA VAL A 30 0.14 -0.53 16.98
C VAL A 30 -0.36 -1.90 16.53
N VAL A 31 -0.92 -2.65 17.47
CA VAL A 31 -1.44 -3.97 17.17
C VAL A 31 -2.93 -3.84 17.38
N THR A 32 -3.68 -3.97 16.29
CA THR A 32 -5.13 -3.81 16.29
C THR A 32 -5.74 -5.13 15.81
N GLY A 33 -7.06 -5.25 15.91
CA GLY A 33 -7.76 -6.41 15.41
C GLY A 33 -8.96 -6.00 14.57
N THR A 34 -9.51 -6.97 13.84
CA THR A 34 -10.74 -6.74 13.08
C THR A 34 -11.99 -6.76 13.97
N GLY A 35 -11.81 -7.25 15.18
CA GLY A 35 -12.83 -7.20 16.18
C GLY A 35 -12.25 -7.47 17.55
N THR A 36 -13.13 -7.83 18.46
CA THR A 36 -12.73 -8.20 19.80
C THR A 36 -12.61 -9.74 19.83
N GLY A 37 -11.72 -10.27 20.66
CA GLY A 37 -11.59 -11.73 20.74
C GLY A 37 -10.98 -12.45 19.55
N VAL A 38 -10.24 -11.73 18.72
CA VAL A 38 -9.60 -12.33 17.55
C VAL A 38 -8.17 -12.78 17.85
N GLY A 39 -7.71 -12.53 19.08
CA GLY A 39 -6.38 -12.95 19.53
C GLY A 39 -5.26 -11.91 19.54
N LYS A 40 -5.61 -10.62 19.64
CA LYS A 40 -4.61 -9.54 19.59
C LYS A 40 -3.52 -9.70 20.63
N THR A 41 -3.92 -9.98 21.86
CA THR A 41 -3.01 -10.03 23.00
C THR A 41 -1.99 -11.14 22.86
N VAL A 42 -2.44 -12.30 22.39
CA VAL A 42 -1.57 -13.46 22.19
C VAL A 42 -0.64 -13.25 21.01
N VAL A 43 -1.10 -12.50 20.01
CA VAL A 43 -0.22 -12.04 18.94
C VAL A 43 0.89 -11.06 19.40
N CYS A 44 0.51 -10.06 20.19
CA CYS A 44 1.48 -9.20 20.85
C CYS A 44 2.55 -10.01 21.57
N ALA A 45 2.13 -10.97 22.40
CA ALA A 45 3.05 -11.81 23.16
C ALA A 45 3.96 -12.57 22.23
N ALA A 46 3.38 -13.13 21.17
CA ALA A 46 4.13 -13.92 20.21
C ALA A 46 5.17 -13.10 19.45
N LEU A 47 4.76 -11.92 18.97
CA LEU A 47 5.73 -11.08 18.27
C LEU A 47 6.78 -10.59 19.27
N ALA A 48 6.35 -10.28 20.49
CA ALA A 48 7.28 -9.79 21.50
C ALA A 48 8.33 -10.89 21.76
N SER A 49 7.86 -12.12 21.93
CA SER A 49 8.73 -13.26 22.15
C SER A 49 9.67 -13.51 20.98
N ALA A 50 9.14 -13.59 19.77
CA ALA A 50 9.98 -13.69 18.57
C ALA A 50 11.04 -12.57 18.48
N ALA A 51 10.66 -11.33 18.75
CA ALA A 51 11.59 -10.21 18.58
C ALA A 51 12.68 -10.25 19.66
N ARG A 52 12.30 -10.59 20.87
CA ARG A 52 13.26 -10.77 21.95
C ARG A 52 14.32 -11.81 21.57
N GLN A 53 13.86 -12.90 20.96
CA GLN A 53 14.75 -14.01 20.62
C GLN A 53 15.66 -13.65 19.48
N ALA A 54 15.24 -12.66 18.70
CA ALA A 54 16.15 -12.03 17.73
C ALA A 54 17.07 -11.00 18.38
N GLY A 55 16.98 -10.86 19.70
CA GLY A 55 17.83 -9.89 20.42
C GLY A 55 17.39 -8.43 20.35
N ILE A 56 16.09 -8.21 20.09
CA ILE A 56 15.51 -6.87 20.14
C ILE A 56 14.85 -6.67 21.50
N ASP A 57 15.16 -5.55 22.14
CA ASP A 57 14.45 -5.09 23.32
C ASP A 57 13.03 -4.70 22.95
N VAL A 58 12.07 -5.29 23.64
CA VAL A 58 10.64 -5.08 23.41
C VAL A 58 9.90 -4.49 24.62
N ALA A 59 9.21 -3.38 24.36
CA ALA A 59 8.20 -2.88 25.27
C ALA A 59 6.76 -3.13 24.73
N VAL A 60 5.86 -3.45 25.64
CA VAL A 60 4.47 -3.59 25.27
C VAL A 60 3.61 -2.61 26.04
N CYS A 61 2.75 -1.91 25.32
CA CYS A 61 2.01 -0.80 25.90
C CYS A 61 0.51 -0.95 25.65
N LYS A 62 -0.27 -0.82 26.72
CA LYS A 62 -1.73 -0.92 26.63
C LYS A 62 -2.34 0.31 27.31
N PRO A 63 -2.54 1.40 26.54
CA PRO A 63 -3.02 2.63 27.19
C PRO A 63 -4.41 2.54 27.84
N VAL A 64 -5.29 1.71 27.30
CA VAL A 64 -6.65 1.61 27.80
C VAL A 64 -7.01 0.14 27.95
N GLN A 65 -7.26 -0.25 29.19
CA GLN A 65 -7.65 -1.61 29.53
C GLN A 65 -9.03 -1.59 30.21
N THR A 66 -10.00 -2.30 29.65
CA THR A 66 -11.30 -2.45 30.33
C THR A 66 -11.48 -3.89 30.83
N GLY A 67 -12.55 -4.14 31.58
CA GLY A 67 -12.79 -5.47 32.12
C GLY A 67 -11.90 -5.92 33.29
N THR A 68 -11.18 -4.99 33.92
CA THR A 68 -10.26 -5.36 35.02
C THR A 68 -11.00 -5.99 36.22
N ALA A 69 -12.27 -5.64 36.40
CA ALA A 69 -13.11 -6.22 37.46
C ALA A 69 -13.42 -7.69 37.16
N ARG A 70 -13.31 -8.06 35.89
CA ARG A 70 -13.49 -9.44 35.53
C ARG A 70 -12.15 -10.20 35.42
N GLY A 71 -11.06 -9.51 35.75
CA GLY A 71 -9.74 -10.12 35.68
C GLY A 71 -8.96 -9.78 34.40
N ASP A 72 -9.63 -9.11 33.46
CA ASP A 72 -8.96 -8.80 32.18
C ASP A 72 -7.70 -8.00 32.43
N ASP A 73 -6.57 -8.52 31.98
CA ASP A 73 -5.31 -7.78 32.08
C ASP A 73 -4.39 -8.18 30.94
N ASP A 74 -4.42 -7.41 29.85
CA ASP A 74 -3.65 -7.84 28.70
C ASP A 74 -2.15 -7.76 28.90
N LEU A 75 -1.70 -6.73 29.60
CA LEU A 75 -0.28 -6.58 29.92
C LEU A 75 0.24 -7.78 30.72
N ALA A 76 -0.50 -8.17 31.76
CA ALA A 76 -0.13 -9.33 32.57
C ALA A 76 -0.10 -10.59 31.71
N GLU A 77 -1.06 -10.73 30.79
CA GLU A 77 -1.03 -11.90 29.95
C GLU A 77 0.28 -11.99 29.15
N VAL A 78 0.67 -10.86 28.58
CA VAL A 78 1.90 -10.75 27.80
C VAL A 78 3.16 -11.07 28.63
N GLY A 79 3.27 -10.50 29.82
CA GLY A 79 4.38 -10.82 30.72
C GLY A 79 4.43 -12.31 30.98
N ARG A 80 3.28 -12.88 31.36
CA ARG A 80 3.13 -14.33 31.52
C ARG A 80 3.55 -15.18 30.31
N LEU A 81 3.09 -14.80 29.13
CA LEU A 81 3.34 -15.62 27.96
C LEU A 81 4.75 -15.44 27.40
N ALA A 82 5.21 -14.20 27.36
CA ALA A 82 6.44 -13.89 26.65
C ALA A 82 7.62 -13.60 27.58
N GLY A 83 7.34 -13.37 28.86
CA GLY A 83 8.38 -12.99 29.80
C GLY A 83 8.77 -11.55 29.65
N VAL A 84 7.97 -10.78 28.91
CA VAL A 84 8.19 -9.34 28.75
C VAL A 84 8.07 -8.59 30.07
N THR A 85 9.05 -7.73 30.36
CA THR A 85 9.11 -7.00 31.63
C THR A 85 8.68 -5.54 31.48
N GLN A 86 8.85 -5.02 30.27
CA GLN A 86 8.60 -3.61 30.04
C GLN A 86 7.15 -3.42 29.58
N LEU A 87 6.28 -3.27 30.57
CA LEU A 87 4.83 -3.29 30.39
C LEU A 87 4.22 -1.97 30.86
N ALA A 88 3.76 -1.18 29.90
CA ALA A 88 3.29 0.15 30.19
C ALA A 88 1.76 0.26 30.11
N GLY A 89 1.11 0.50 31.24
CA GLY A 89 -0.32 0.75 31.22
C GLY A 89 -0.63 2.19 31.53
N LEU A 90 -1.91 2.56 31.50
CA LEU A 90 -2.32 3.90 31.87
C LEU A 90 -3.69 3.82 32.53
N ALA A 91 -4.73 3.68 31.73
CA ALA A 91 -6.10 3.66 32.20
C ALA A 91 -6.64 2.24 32.34
N ARG A 92 -7.23 1.92 33.48
CA ARG A 92 -7.97 0.68 33.69
C ARG A 92 -9.39 0.89 34.23
N TYR A 93 -10.36 0.23 33.61
CA TYR A 93 -11.76 0.44 33.96
C TYR A 93 -12.34 -0.94 34.27
N PRO A 94 -13.11 -1.05 35.36
CA PRO A 94 -13.64 -2.33 35.86
C PRO A 94 -14.54 -3.11 34.89
N GLN A 95 -15.51 -2.44 34.25
CA GLN A 95 -16.51 -3.18 33.45
C GLN A 95 -15.95 -3.63 32.10
N PRO A 96 -16.35 -4.83 31.65
CA PRO A 96 -15.88 -5.34 30.36
C PRO A 96 -16.71 -4.74 29.21
N MET A 97 -16.59 -3.43 29.03
CA MET A 97 -17.30 -2.72 27.97
C MET A 97 -16.32 -1.94 27.07
N ALA A 98 -16.84 -1.29 26.05
CA ALA A 98 -16.08 -0.28 25.32
C ALA A 98 -15.57 0.77 26.33
N PRO A 99 -14.31 1.24 26.15
CA PRO A 99 -13.72 2.25 27.02
C PRO A 99 -14.70 3.36 27.43
N ALA A 100 -15.40 3.98 26.48
CA ALA A 100 -16.28 5.09 26.82
C ALA A 100 -17.37 4.72 27.84
N ALA A 101 -17.98 3.55 27.67
CA ALA A 101 -19.02 3.11 28.61
C ALA A 101 -18.45 2.57 29.91
N ALA A 102 -17.26 1.98 29.87
CA ALA A 102 -16.65 1.49 31.11
C ALA A 102 -16.21 2.68 31.98
N ALA A 103 -15.63 3.69 31.35
CA ALA A 103 -15.24 4.91 32.03
C ALA A 103 -16.46 5.59 32.68
N GLU A 104 -17.51 5.77 31.90
CA GLU A 104 -18.73 6.44 32.37
C GLU A 104 -19.37 5.66 33.50
N HIS A 105 -19.31 4.35 33.40
CA HIS A 105 -19.85 3.46 34.42
C HIS A 105 -19.13 3.58 35.74
N ALA A 106 -17.83 3.90 35.67
CA ALA A 106 -16.97 3.96 36.85
C ALA A 106 -16.88 5.38 37.38
N GLY A 107 -17.54 6.31 36.69
CA GLY A 107 -17.45 7.70 37.03
C GLY A 107 -16.07 8.24 36.74
N MET A 108 -15.38 7.62 35.78
CA MET A 108 -14.05 8.09 35.40
C MET A 108 -14.04 8.78 34.04
N ALA A 109 -12.97 9.48 33.71
CA ALA A 109 -12.84 10.00 32.36
C ALA A 109 -11.98 9.08 31.53
N LEU A 110 -12.14 9.19 30.20
CA LEU A 110 -11.19 8.65 29.24
C LEU A 110 -9.92 9.49 29.27
N PRO A 111 -8.77 8.88 28.97
CA PRO A 111 -7.53 9.65 28.89
C PRO A 111 -7.56 10.66 27.77
N ALA A 112 -6.71 11.67 27.83
CA ALA A 112 -6.64 12.60 26.73
C ALA A 112 -5.69 12.04 25.67
N ARG A 113 -5.83 12.50 24.43
CA ARG A 113 -4.95 12.08 23.37
C ARG A 113 -3.49 12.17 23.83
N ASP A 114 -3.15 13.32 24.40
CA ASP A 114 -1.80 13.63 24.82
C ASP A 114 -1.23 12.66 25.82
N GLN A 115 -2.04 12.15 26.73
CA GLN A 115 -1.54 11.20 27.71
C GLN A 115 -1.15 9.84 27.07
N ILE A 116 -1.84 9.50 25.99
CA ILE A 116 -1.54 8.25 25.27
C ILE A 116 -0.21 8.41 24.55
N VAL A 117 -0.07 9.52 23.84
CA VAL A 117 1.13 9.78 23.09
C VAL A 117 2.34 9.82 24.02
N ARG A 118 2.18 10.44 25.19
CA ARG A 118 3.25 10.57 26.15
C ARG A 118 3.67 9.21 26.75
N LEU A 119 2.69 8.38 27.07
CA LEU A 119 2.94 7.07 27.57
C LEU A 119 3.80 6.27 26.57
N ILE A 120 3.49 6.41 25.27
CA ILE A 120 4.23 5.72 24.22
C ILE A 120 5.61 6.34 24.04
N ALA A 121 5.67 7.65 23.91
CA ALA A 121 6.92 8.38 23.77
C ALA A 121 7.97 8.18 24.87
N ASP A 122 7.55 8.04 26.14
CA ASP A 122 8.49 7.89 27.21
C ASP A 122 9.14 6.50 27.19
N LEU A 123 8.66 5.61 26.32
CA LEU A 123 9.30 4.32 26.15
C LEU A 123 10.47 4.37 25.14
N ASP A 124 10.67 5.49 24.48
CA ASP A 124 11.71 5.58 23.44
C ASP A 124 13.10 5.11 23.92
N ARG A 125 13.71 4.20 23.16
CA ARG A 125 15.13 3.80 23.32
C ARG A 125 15.55 3.43 21.91
N PRO A 126 16.84 3.60 21.58
CA PRO A 126 17.32 3.21 20.24
C PRO A 126 17.22 1.70 20.02
N GLY A 127 16.72 1.32 18.85
CA GLY A 127 16.56 -0.12 18.50
C GLY A 127 15.48 -0.93 19.21
N ARG A 128 14.63 -0.24 19.95
CA ARG A 128 13.56 -0.90 20.71
C ARG A 128 12.39 -1.13 19.77
N LEU A 129 11.68 -2.22 19.99
CA LEU A 129 10.37 -2.44 19.38
C LEU A 129 9.30 -2.22 20.43
N THR A 130 8.43 -1.24 20.19
CA THR A 130 7.32 -1.00 21.12
C THR A 130 6.00 -1.40 20.44
N LEU A 131 5.25 -2.24 21.12
CA LEU A 131 3.97 -2.71 20.58
C LEU A 131 2.87 -2.03 21.37
N VAL A 132 1.99 -1.32 20.65
CA VAL A 132 0.88 -0.59 21.27
C VAL A 132 -0.41 -1.34 20.96
N GLU A 133 -1.00 -1.95 21.99
CA GLU A 133 -2.20 -2.76 21.85
C GLU A 133 -3.45 -1.94 22.19
N GLY A 134 -4.45 -1.97 21.31
CA GLY A 134 -5.66 -1.17 21.49
C GLY A 134 -6.66 -1.93 22.35
N ALA A 135 -7.83 -1.34 22.55
CA ALA A 135 -8.93 -2.00 23.19
C ALA A 135 -9.89 -2.33 22.06
N GLY A 136 -10.21 -3.60 21.89
CA GLY A 136 -11.02 -4.04 20.77
C GLY A 136 -10.40 -3.69 19.43
N GLY A 137 -11.27 -3.34 18.47
CA GLY A 137 -10.88 -3.02 17.10
C GLY A 137 -10.44 -1.59 16.86
N LEU A 138 -10.08 -1.29 15.61
CA LEU A 138 -9.37 -0.07 15.27
C LEU A 138 -10.12 1.22 15.64
N LEU A 139 -11.42 1.25 15.44
CA LEU A 139 -12.15 2.49 15.60
C LEU A 139 -12.83 2.61 16.95
N VAL A 140 -12.44 1.76 17.92
CA VAL A 140 -12.86 1.93 19.29
C VAL A 140 -12.34 3.28 19.81
N GLU A 141 -13.22 4.02 20.49
CA GLU A 141 -12.82 5.30 21.09
C GLU A 141 -11.93 5.13 22.31
N LEU A 142 -10.74 5.73 22.28
CA LEU A 142 -9.78 5.50 23.36
C LEU A 142 -9.62 6.75 24.19
N ALA A 143 -9.82 7.91 23.55
CA ALA A 143 -9.68 9.22 24.16
C ALA A 143 -10.77 10.12 23.61
N GLU A 144 -11.22 11.06 24.43
CA GLU A 144 -12.36 11.88 24.09
C GLU A 144 -11.75 13.01 23.31
N PRO A 145 -12.38 13.43 22.20
CA PRO A 145 -13.63 12.96 21.62
C PRO A 145 -13.40 12.14 20.35
N GLY A 146 -13.73 10.86 20.38
CA GLY A 146 -13.61 10.05 19.18
C GLY A 146 -12.17 9.81 18.75
N VAL A 147 -11.22 9.96 19.67
CA VAL A 147 -9.84 9.62 19.36
C VAL A 147 -9.67 8.09 19.44
N THR A 148 -9.12 7.53 18.37
CA THR A 148 -9.01 6.07 18.24
C THR A 148 -7.55 5.66 18.11
N LEU A 149 -7.29 4.35 18.16
CA LEU A 149 -5.96 3.83 17.90
C LEU A 149 -5.38 4.29 16.54
N ARG A 150 -6.25 4.50 15.55
CA ARG A 150 -5.76 5.03 14.26
C ARG A 150 -5.16 6.45 14.39
N ASP A 151 -5.83 7.32 15.17
CA ASP A 151 -5.30 8.65 15.45
C ASP A 151 -3.97 8.62 16.20
N VAL A 152 -3.85 7.71 17.17
CA VAL A 152 -2.63 7.53 17.92
C VAL A 152 -1.45 7.09 17.01
N ALA A 153 -1.72 6.18 16.07
CA ALA A 153 -0.70 5.69 15.15
C ALA A 153 -0.20 6.81 14.26
N VAL A 154 -1.10 7.71 13.88
CA VAL A 154 -0.71 8.90 13.11
C VAL A 154 0.19 9.81 13.96
N ASP A 155 -0.23 10.13 15.17
CA ASP A 155 0.57 10.93 16.11
C ASP A 155 1.98 10.39 16.36
N VAL A 156 2.15 9.07 16.49
CA VAL A 156 3.46 8.53 16.83
C VAL A 156 4.19 7.96 15.62
N ALA A 157 3.60 8.15 14.43
CA ALA A 157 4.12 7.59 13.19
C ALA A 157 4.35 6.07 13.23
N ALA A 158 3.37 5.34 13.76
CA ALA A 158 3.41 3.88 13.80
C ALA A 158 2.73 3.23 12.60
N ALA A 159 3.25 2.07 12.19
CA ALA A 159 2.54 1.15 11.31
C ALA A 159 1.55 0.32 12.14
N ALA A 160 0.58 -0.30 11.47
CA ALA A 160 -0.41 -1.08 12.14
C ALA A 160 -0.32 -2.55 11.74
N LEU A 161 -0.21 -3.43 12.74
CA LEU A 161 -0.31 -4.87 12.52
C LEU A 161 -1.74 -5.29 12.89
N VAL A 162 -2.41 -5.97 11.98
CA VAL A 162 -3.86 -6.21 12.11
C VAL A 162 -4.10 -7.69 12.36
N VAL A 163 -4.78 -8.01 13.47
CA VAL A 163 -4.99 -9.41 13.83
C VAL A 163 -6.38 -9.78 13.29
N VAL A 164 -6.45 -10.94 12.62
CA VAL A 164 -7.67 -11.40 11.97
C VAL A 164 -7.98 -12.84 12.39
N THR A 165 -9.23 -13.25 12.19
CA THR A 165 -9.57 -14.69 12.20
C THR A 165 -9.43 -15.31 10.82
N ALA A 166 -9.60 -16.62 10.73
CA ALA A 166 -9.72 -17.29 9.45
C ALA A 166 -11.18 -17.73 9.21
N ASP A 167 -12.05 -17.31 10.11
CA ASP A 167 -13.49 -17.59 10.05
C ASP A 167 -14.21 -16.79 8.95
N LEU A 168 -15.34 -17.31 8.52
CA LEU A 168 -16.27 -16.64 7.62
C LEU A 168 -16.65 -15.26 8.20
N GLY A 169 -16.59 -14.22 7.39
CA GLY A 169 -16.73 -12.85 7.88
C GLY A 169 -15.41 -12.12 7.94
N THR A 170 -14.31 -12.86 7.95
CA THR A 170 -13.00 -12.22 8.07
C THR A 170 -12.57 -11.33 6.94
N LEU A 171 -12.97 -11.61 5.71
CA LEU A 171 -12.47 -10.84 4.58
C LEU A 171 -13.08 -9.47 4.58
N ASN A 172 -14.36 -9.41 4.89
CA ASN A 172 -15.05 -8.15 4.95
C ASN A 172 -14.51 -7.30 6.12
N HIS A 173 -14.35 -7.92 7.28
CA HIS A 173 -13.78 -7.21 8.41
C HIS A 173 -12.34 -6.74 8.19
N THR A 174 -11.53 -7.58 7.54
CA THR A 174 -10.16 -7.20 7.25
C THR A 174 -10.09 -6.03 6.26
N LYS A 175 -10.83 -6.13 5.16
CA LYS A 175 -10.87 -5.05 4.18
C LYS A 175 -11.42 -3.75 4.76
N LEU A 176 -12.42 -3.83 5.65
CA LEU A 176 -12.93 -2.61 6.33
C LEU A 176 -11.85 -1.92 7.14
N THR A 177 -11.11 -2.72 7.92
CA THR A 177 -10.02 -2.24 8.76
C THR A 177 -8.86 -1.63 7.95
N LEU A 178 -8.44 -2.32 6.91
CA LEU A 178 -7.40 -1.86 6.02
C LEU A 178 -7.76 -0.56 5.32
N GLU A 179 -9.02 -0.44 4.93
CA GLU A 179 -9.48 0.78 4.28
C GLU A 179 -9.38 1.95 5.26
N ALA A 180 -9.81 1.73 6.50
CA ALA A 180 -9.77 2.77 7.51
C ALA A 180 -8.35 3.21 7.80
N LEU A 181 -7.38 2.28 7.80
CA LEU A 181 -5.97 2.65 7.97
C LEU A 181 -5.49 3.56 6.83
N ALA A 182 -5.77 3.15 5.59
CA ALA A 182 -5.39 3.88 4.37
C ALA A 182 -5.98 5.30 4.35
N ALA A 183 -7.20 5.44 4.83
CA ALA A 183 -7.90 6.70 4.87
C ALA A 183 -7.12 7.76 5.63
N GLN A 184 -6.29 7.33 6.59
CA GLN A 184 -5.50 8.25 7.40
C GLN A 184 -3.99 8.02 7.19
N GLN A 185 -3.68 7.31 6.13
CA GLN A 185 -2.31 7.05 5.71
C GLN A 185 -1.46 6.35 6.76
N VAL A 186 -2.11 5.49 7.55
CA VAL A 186 -1.39 4.68 8.50
C VAL A 186 -0.99 3.44 7.79
N SER A 187 0.32 3.21 7.73
CA SER A 187 0.91 2.07 7.01
C SER A 187 0.54 0.70 7.60
N ALA A 189 1.44 -3.00 8.46
CA ALA A 189 2.64 -3.83 8.69
C ALA A 189 2.43 -5.27 8.25
N GLY A 190 1.18 -5.62 7.98
CA GLY A 190 0.82 -7.01 7.62
C GLY A 190 -0.31 -7.55 8.48
N LEU A 191 -0.71 -8.79 8.20
CA LEU A 191 -1.80 -9.44 8.92
C LEU A 191 -1.24 -10.54 9.79
N VAL A 192 -1.95 -10.87 10.86
CA VAL A 192 -1.61 -12.06 11.64
C VAL A 192 -2.89 -12.80 11.95
N ILE A 193 -3.01 -14.06 11.51
CA ILE A 193 -4.14 -14.90 11.90
C ILE A 193 -3.96 -15.33 13.35
N GLY A 194 -4.84 -14.86 14.22
CA GLY A 194 -4.68 -15.06 15.65
C GLY A 194 -4.83 -16.49 16.12
N SER A 195 -5.51 -17.31 15.33
CA SER A 195 -5.80 -18.70 15.70
C SER A 195 -6.04 -19.56 14.46
N TRP A 196 -5.17 -20.54 14.24
CA TRP A 196 -5.19 -21.30 13.02
C TRP A 196 -5.40 -22.76 13.36
N PRO A 197 -6.49 -23.36 12.83
CA PRO A 197 -6.94 -24.71 13.24
C PRO A 197 -6.16 -25.87 12.62
N ASP A 198 -6.13 -26.97 13.36
CA ASP A 198 -5.57 -28.22 12.89
C ASP A 198 -6.67 -29.27 12.94
N PRO A 199 -7.06 -29.78 11.76
CA PRO A 199 -6.54 -29.24 10.49
C PRO A 199 -7.37 -28.06 9.98
N PRO A 200 -6.87 -27.34 8.96
CA PRO A 200 -7.73 -26.26 8.44
C PRO A 200 -8.87 -26.82 7.61
N GLY A 201 -10.07 -26.27 7.75
CA GLY A 201 -11.19 -26.71 6.92
C GLY A 201 -11.13 -26.03 5.56
N LEU A 202 -12.14 -26.30 4.72
CA LEU A 202 -12.23 -25.67 3.41
C LEU A 202 -12.31 -24.15 3.57
N VAL A 203 -13.18 -23.70 4.48
CA VAL A 203 -13.38 -22.29 4.72
C VAL A 203 -12.10 -21.61 5.19
N ALA A 204 -11.53 -22.10 6.29
CA ALA A 204 -10.28 -21.57 6.82
C ALA A 204 -9.16 -21.51 5.79
N ALA A 205 -9.00 -22.58 5.00
CA ALA A 205 -7.93 -22.64 3.99
C ALA A 205 -8.14 -21.62 2.86
N SER A 206 -9.39 -21.43 2.45
CA SER A 206 -9.63 -20.49 1.38
C SER A 206 -9.53 -19.02 1.86
N ASN A 207 -10.02 -18.75 3.08
CA ASN A 207 -9.77 -17.48 3.76
C ASN A 207 -8.29 -17.11 3.89
N ARG A 208 -7.45 -18.05 4.31
CA ARG A 208 -6.04 -17.76 4.40
C ARG A 208 -5.36 -17.43 3.05
N SER A 209 -5.76 -18.15 2.01
CA SER A 209 -5.31 -17.84 0.66
C SER A 209 -5.87 -16.47 0.15
N ALA A 210 -7.13 -16.19 0.42
CA ALA A 210 -7.71 -14.87 0.10
C ALA A 210 -7.04 -13.75 0.92
N LEU A 211 -6.76 -14.00 2.20
CA LEU A 211 -6.06 -13.02 3.06
C LEU A 211 -4.68 -12.71 2.52
N ALA A 212 -3.97 -13.74 2.07
CA ALA A 212 -2.67 -13.52 1.46
C ALA A 212 -2.71 -12.72 0.12
N ARG A 213 -3.88 -12.55 -0.51
CA ARG A 213 -3.98 -11.74 -1.75
C ARG A 213 -4.20 -10.26 -1.44
N ILE A 214 -4.67 -10.02 -0.24
CA ILE A 214 -5.01 -8.69 0.23
C ILE A 214 -3.79 -8.03 0.89
N ALA A 215 -2.90 -8.85 1.45
CA ALA A 215 -1.86 -8.38 2.36
C ALA A 215 -0.85 -9.48 2.70
N MET A 216 0.33 -9.07 3.16
CA MET A 216 1.30 -10.01 3.68
C MET A 216 0.74 -10.59 4.99
N VAL A 217 0.66 -11.92 5.05
CA VAL A 217 0.28 -12.62 6.26
C VAL A 217 1.57 -13.00 7.00
N ARG A 218 1.79 -12.34 8.11
CA ARG A 218 3.03 -12.42 8.86
C ARG A 218 3.13 -13.71 9.66
N ALA A 219 2.00 -14.21 10.12
CA ALA A 219 2.01 -15.37 11.00
C ALA A 219 0.57 -15.84 11.13
N ALA A 220 0.40 -17.10 11.54
CA ALA A 220 -0.90 -17.68 11.81
C ALA A 220 -0.66 -18.57 13.00
N LEU A 221 -0.96 -18.05 14.19
CA LEU A 221 -0.65 -18.73 15.44
C LEU A 221 -1.52 -19.94 15.63
N PRO A 222 -0.89 -21.08 15.96
CA PRO A 222 -1.59 -22.32 16.23
C PRO A 222 -2.75 -22.12 17.20
N ALA A 223 -3.92 -22.69 16.90
CA ALA A 223 -5.01 -22.63 17.87
C ALA A 223 -4.49 -23.21 19.18
N GLY A 224 -4.95 -22.65 20.29
CA GLY A 224 -4.53 -23.11 21.59
C GLY A 224 -3.22 -22.52 22.08
N ALA A 225 -2.60 -21.66 21.25
CA ALA A 225 -1.30 -21.03 21.57
C ALA A 225 -1.31 -20.35 22.93
N ALA A 226 -2.46 -19.78 23.29
CA ALA A 226 -2.60 -19.08 24.56
C ALA A 226 -2.30 -19.94 25.80
N SER A 227 -2.42 -21.27 25.65
CA SER A 227 -2.33 -22.16 26.80
C SER A 227 -0.96 -22.83 26.95
N LEU A 228 -0.03 -22.49 26.05
CA LEU A 228 1.32 -23.01 26.11
C LEU A 228 2.08 -22.42 27.29
N ASP A 229 3.16 -23.08 27.70
CA ASP A 229 4.00 -22.57 28.78
C ASP A 229 5.08 -21.73 28.17
N ALA A 230 5.87 -21.06 29.00
CA ALA A 230 6.91 -20.16 28.49
C ALA A 230 7.75 -20.86 27.42
N GLY A 231 8.06 -22.12 27.67
CA GLY A 231 8.98 -22.84 26.83
C GLY A 231 8.39 -23.10 25.47
N ASP A 232 7.20 -23.69 25.47
CA ASP A 232 6.47 -23.96 24.24
C ASP A 232 6.08 -22.67 23.53
N PHE A 233 5.69 -21.65 24.29
CA PHE A 233 5.19 -20.42 23.68
C PHE A 233 6.32 -19.72 22.92
N ALA A 234 7.50 -19.69 23.52
CA ALA A 234 8.71 -19.14 22.90
C ALA A 234 9.12 -19.86 21.63
N ALA A 235 8.98 -21.18 21.63
CA ALA A 235 9.30 -22.01 20.47
C ALA A 235 8.25 -21.79 19.38
N MET A 236 6.99 -21.83 19.78
CA MET A 236 5.93 -21.48 18.87
C MET A 236 6.19 -20.12 18.22
N SER A 237 6.49 -19.11 19.05
CA SER A 237 6.60 -17.73 18.55
C SER A 237 7.73 -17.59 17.57
N ALA A 238 8.86 -18.26 17.84
CA ALA A 238 10.02 -18.23 16.94
C ALA A 238 9.80 -18.89 15.58
N ALA A 239 9.12 -20.02 15.56
CA ALA A 239 8.73 -20.65 14.30
C ALA A 239 7.64 -19.86 13.51
N ALA A 240 6.78 -19.14 14.23
CA ALA A 240 5.56 -18.53 13.65
C ALA A 240 5.78 -17.33 12.72
N PHE A 241 6.79 -16.49 12.98
CA PHE A 241 7.08 -15.33 12.11
C PHE A 241 8.31 -15.58 11.24
N ASP A 242 8.36 -14.98 10.04
CA ASP A 242 9.59 -14.95 9.25
C ASP A 242 10.64 -14.12 10.00
N ARG A 243 11.83 -14.68 10.18
CA ARG A 243 12.84 -13.99 10.99
C ARG A 243 13.47 -12.83 10.24
N ASN A 244 13.39 -12.86 8.90
CA ASN A 244 13.77 -11.69 8.11
C ASN A 244 12.84 -10.49 8.34
N TRP A 245 11.55 -10.77 8.51
CA TRP A 245 10.62 -9.71 8.74
C TRP A 245 10.79 -9.14 10.15
N VAL A 246 10.85 -10.02 11.14
CA VAL A 246 11.04 -9.62 12.52
C VAL A 246 12.36 -8.84 12.67
N ALA A 247 13.43 -9.37 12.08
CA ALA A 247 14.75 -8.75 12.20
C ALA A 247 14.74 -7.37 11.59
N GLY A 248 14.03 -7.23 10.48
CA GLY A 248 13.96 -5.97 9.78
C GLY A 248 13.13 -4.89 10.44
N LEU A 249 12.39 -5.20 11.50
CA LEU A 249 11.58 -4.09 12.04
C LEU A 249 12.31 -2.99 12.80
N VAL A 250 13.53 -3.24 13.27
CA VAL A 250 14.31 -2.18 13.91
C VAL A 250 15.63 -1.91 13.17
N GLY A 251 15.62 -2.23 11.88
CA GLY A 251 16.47 -1.56 10.88
C GLY A 251 17.77 -2.26 10.50
N THR B 27 -36.29 4.00 -6.10
CA THR B 27 -36.48 3.69 -4.65
C THR B 27 -35.85 2.36 -4.19
N ILE B 28 -34.53 2.37 -4.11
CA ILE B 28 -33.79 1.18 -3.76
C ILE B 28 -33.04 1.41 -2.46
N LEU B 29 -33.11 0.41 -1.57
CA LEU B 29 -32.28 0.36 -0.36
C LEU B 29 -31.48 -0.91 -0.40
N VAL B 30 -30.16 -0.83 -0.33
CA VAL B 30 -29.42 -2.04 -0.02
C VAL B 30 -29.49 -2.32 1.50
N VAL B 31 -29.52 -3.58 1.86
CA VAL B 31 -29.50 -4.01 3.25
C VAL B 31 -28.21 -4.76 3.41
N THR B 32 -27.36 -4.22 4.26
CA THR B 32 -26.05 -4.84 4.48
C THR B 32 -25.82 -5.04 5.99
N GLY B 33 -24.88 -5.90 6.36
CA GLY B 33 -24.63 -6.15 7.78
C GLY B 33 -23.22 -5.69 8.15
N THR B 34 -22.96 -5.52 9.44
CA THR B 34 -21.56 -5.28 9.83
C THR B 34 -20.74 -6.55 9.68
N GLY B 35 -21.42 -7.68 9.48
CA GLY B 35 -20.74 -8.96 9.41
C GLY B 35 -21.74 -10.07 9.12
N THR B 36 -21.29 -11.30 9.19
CA THR B 36 -22.12 -12.44 8.88
C THR B 36 -22.87 -12.87 10.14
N GLY B 37 -24.10 -13.32 9.98
CA GLY B 37 -24.87 -13.80 11.14
C GLY B 37 -25.33 -12.71 12.11
N VAL B 38 -25.59 -11.51 11.61
CA VAL B 38 -26.14 -10.44 12.44
C VAL B 38 -27.68 -10.33 12.37
N GLY B 39 -28.34 -11.21 11.63
CA GLY B 39 -29.79 -11.11 11.46
C GLY B 39 -30.30 -10.35 10.24
N LYS B 40 -29.40 -10.13 9.28
CA LYS B 40 -29.70 -9.35 8.09
C LYS B 40 -30.92 -9.80 7.22
N THR B 41 -30.95 -11.07 6.80
CA THR B 41 -32.06 -11.63 6.05
C THR B 41 -33.38 -11.40 6.81
N VAL B 42 -33.39 -11.71 8.09
CA VAL B 42 -34.59 -11.49 8.89
C VAL B 42 -34.98 -10.03 8.99
N VAL B 43 -33.99 -9.13 9.01
CA VAL B 43 -34.28 -7.70 8.94
C VAL B 43 -34.90 -7.29 7.60
N CYS B 44 -34.31 -7.75 6.49
CA CYS B 44 -34.91 -7.59 5.16
C CYS B 44 -36.38 -8.07 5.13
N ALA B 45 -36.64 -9.25 5.70
CA ALA B 45 -38.01 -9.74 5.82
C ALA B 45 -38.90 -8.82 6.67
N ALA B 46 -38.36 -8.34 7.79
CA ALA B 46 -39.15 -7.47 8.69
C ALA B 46 -39.43 -6.11 8.09
N LEU B 47 -38.46 -5.58 7.35
CA LEU B 47 -38.71 -4.34 6.65
C LEU B 47 -39.73 -4.56 5.53
N ALA B 48 -39.55 -5.64 4.78
CA ALA B 48 -40.49 -5.98 3.70
C ALA B 48 -41.93 -6.11 4.22
N SER B 49 -42.09 -6.80 5.35
CA SER B 49 -43.39 -6.99 5.98
C SER B 49 -43.97 -5.64 6.42
N ALA B 50 -43.20 -4.87 7.17
CA ALA B 50 -43.62 -3.53 7.54
C ALA B 50 -44.01 -2.68 6.33
N ALA B 51 -43.21 -2.71 5.28
CA ALA B 51 -43.54 -1.95 4.08
C ALA B 51 -44.83 -2.45 3.40
N ARG B 52 -45.01 -3.76 3.35
CA ARG B 52 -46.23 -4.32 2.79
C ARG B 52 -47.46 -3.85 3.59
N GLN B 53 -47.32 -3.70 4.91
CA GLN B 53 -48.42 -3.29 5.76
C GLN B 53 -48.76 -1.78 5.65
N ALA B 54 -47.79 -0.98 5.22
CA ALA B 54 -48.07 0.41 4.88
C ALA B 54 -48.56 0.59 3.41
N GLY B 55 -49.00 -0.51 2.80
CA GLY B 55 -49.55 -0.50 1.44
C GLY B 55 -48.53 -0.27 0.34
N ILE B 56 -47.27 -0.57 0.65
CA ILE B 56 -46.19 -0.36 -0.30
C ILE B 56 -45.85 -1.70 -0.96
N ASP B 57 -45.58 -1.64 -2.25
CA ASP B 57 -45.21 -2.80 -3.03
C ASP B 57 -43.72 -3.02 -2.79
N VAL B 58 -43.34 -4.27 -2.49
CA VAL B 58 -41.94 -4.63 -2.20
C VAL B 58 -41.34 -5.69 -3.13
N ALA B 59 -40.15 -5.44 -3.62
CA ALA B 59 -39.34 -6.47 -4.26
C ALA B 59 -38.06 -6.62 -3.44
N VAL B 60 -37.60 -7.86 -3.30
CA VAL B 60 -36.31 -8.12 -2.68
C VAL B 60 -35.41 -8.83 -3.70
N CYS B 61 -34.26 -8.25 -3.94
CA CYS B 61 -33.25 -8.83 -4.82
C CYS B 61 -32.05 -9.28 -4.00
N LYS B 62 -31.72 -10.56 -4.09
CA LYS B 62 -30.48 -11.11 -3.54
C LYS B 62 -29.67 -11.80 -4.63
N PRO B 63 -28.86 -11.02 -5.38
CA PRO B 63 -28.12 -11.50 -6.55
C PRO B 63 -27.31 -12.76 -6.32
N VAL B 64 -26.55 -12.81 -5.22
CA VAL B 64 -25.68 -13.94 -4.91
C VAL B 64 -25.97 -14.55 -3.54
N GLN B 65 -26.15 -15.86 -3.52
CA GLN B 65 -26.51 -16.58 -2.32
C GLN B 65 -25.54 -17.76 -2.18
N THR B 66 -24.97 -17.92 -0.99
CA THR B 66 -24.09 -19.04 -0.77
C THR B 66 -24.60 -19.90 0.40
N GLY B 67 -24.10 -21.12 0.48
CA GLY B 67 -24.41 -21.99 1.59
C GLY B 67 -25.79 -22.58 1.45
N THR B 68 -26.10 -23.06 0.24
CA THR B 68 -27.42 -23.60 -0.05
C THR B 68 -27.58 -25.04 0.46
N ALA B 69 -26.55 -25.86 0.27
CA ALA B 69 -26.60 -27.28 0.65
C ALA B 69 -26.75 -27.53 2.16
N ARG B 70 -26.39 -26.54 2.98
CA ARG B 70 -26.67 -26.65 4.41
C ARG B 70 -28.07 -26.12 4.73
N GLY B 71 -28.80 -25.76 3.67
CA GLY B 71 -30.20 -25.32 3.79
C GLY B 71 -30.50 -23.83 3.61
N ASP B 72 -29.54 -23.05 3.10
CA ASP B 72 -29.76 -21.59 2.98
C ASP B 72 -30.36 -21.15 1.64
N ASP B 73 -31.55 -20.55 1.71
CA ASP B 73 -32.17 -19.84 0.56
C ASP B 73 -32.82 -18.63 1.16
N ASP B 74 -32.12 -17.51 1.11
CA ASP B 74 -32.56 -16.36 1.86
C ASP B 74 -33.84 -15.79 1.27
N LEU B 75 -33.95 -15.80 -0.06
CA LEU B 75 -35.17 -15.27 -0.70
C LEU B 75 -36.41 -16.00 -0.24
N ALA B 76 -36.31 -17.32 -0.13
CA ALA B 76 -37.41 -18.17 0.30
C ALA B 76 -37.78 -17.88 1.77
N GLU B 77 -36.77 -17.66 2.61
CA GLU B 77 -36.98 -17.20 3.96
C GLU B 77 -37.80 -15.90 3.97
N VAL B 78 -37.45 -14.94 3.11
CA VAL B 78 -38.18 -13.66 2.98
C VAL B 78 -39.64 -13.80 2.47
N GLY B 79 -39.84 -14.68 1.49
CA GLY B 79 -41.19 -14.96 0.98
C GLY B 79 -42.06 -15.56 2.08
N ARG B 80 -41.55 -16.60 2.72
CA ARG B 80 -42.21 -17.25 3.85
C ARG B 80 -42.56 -16.26 4.97
N LEU B 81 -41.55 -15.57 5.49
CA LEU B 81 -41.76 -14.67 6.63
C LEU B 81 -42.57 -13.40 6.30
N ALA B 82 -42.31 -12.81 5.14
CA ALA B 82 -42.92 -11.52 4.78
C ALA B 82 -44.00 -11.57 3.71
N GLY B 83 -44.13 -12.69 3.03
CA GLY B 83 -45.10 -12.77 1.93
C GLY B 83 -44.69 -12.05 0.65
N VAL B 84 -43.40 -11.77 0.49
CA VAL B 84 -42.91 -11.16 -0.73
C VAL B 84 -42.95 -12.16 -1.86
N THR B 85 -43.32 -11.66 -3.03
CA THR B 85 -43.57 -12.51 -4.16
C THR B 85 -42.54 -12.16 -5.28
N GLN B 86 -42.11 -10.92 -5.29
CA GLN B 86 -41.11 -10.49 -6.24
C GLN B 86 -39.71 -10.68 -5.62
N LEU B 87 -39.15 -11.85 -5.86
CA LEU B 87 -37.91 -12.30 -5.26
C LEU B 87 -36.96 -12.63 -6.39
N ALA B 88 -35.94 -11.77 -6.59
CA ALA B 88 -35.00 -11.89 -7.70
C ALA B 88 -33.60 -12.31 -7.26
N GLY B 89 -32.94 -13.17 -8.02
CA GLY B 89 -31.56 -13.61 -7.69
C GLY B 89 -30.89 -14.10 -8.96
N LEU B 90 -29.58 -14.35 -8.92
CA LEU B 90 -28.82 -14.69 -10.13
C LEU B 90 -27.94 -15.92 -9.99
N ALA B 91 -27.54 -16.24 -8.76
CA ALA B 91 -26.60 -17.33 -8.53
C ALA B 91 -26.72 -17.81 -7.11
N ARG B 92 -26.63 -19.12 -6.94
CA ARG B 92 -26.64 -19.78 -5.64
C ARG B 92 -25.49 -20.78 -5.57
N TYR B 93 -24.67 -20.68 -4.53
CA TYR B 93 -23.55 -21.57 -4.34
C TYR B 93 -23.77 -22.40 -3.08
N PRO B 94 -23.46 -23.70 -3.15
CA PRO B 94 -23.68 -24.65 -2.03
C PRO B 94 -22.78 -24.45 -0.80
N GLN B 95 -21.49 -24.16 -1.05
CA GLN B 95 -20.50 -23.95 0.01
C GLN B 95 -20.79 -22.73 0.89
N PRO B 96 -20.70 -22.91 2.23
CA PRO B 96 -20.89 -21.81 3.16
C PRO B 96 -19.64 -20.94 3.22
N MET B 97 -19.41 -20.20 2.15
CA MET B 97 -18.27 -19.32 2.04
C MET B 97 -18.69 -17.98 1.43
N ALA B 98 -17.80 -17.01 1.49
CA ALA B 98 -17.94 -15.82 0.66
C ALA B 98 -18.15 -16.24 -0.80
N PRO B 99 -18.99 -15.49 -1.53
CA PRO B 99 -19.30 -15.76 -2.91
C PRO B 99 -18.06 -16.07 -3.76
N ALA B 100 -17.06 -15.18 -3.71
CA ALA B 100 -15.82 -15.39 -4.47
C ALA B 100 -15.18 -16.72 -4.11
N ALA B 101 -15.03 -16.99 -2.82
CA ALA B 101 -14.50 -18.29 -2.39
C ALA B 101 -15.39 -19.43 -2.87
N ALA B 102 -16.69 -19.26 -2.72
CA ALA B 102 -17.64 -20.31 -3.13
C ALA B 102 -17.60 -20.57 -4.64
N ALA B 103 -17.45 -19.49 -5.40
CA ALA B 103 -17.34 -19.55 -6.88
C ALA B 103 -16.04 -20.21 -7.32
N GLU B 104 -14.96 -19.88 -6.62
CA GLU B 104 -13.65 -20.44 -6.92
C GLU B 104 -13.63 -21.92 -6.60
N HIS B 105 -14.38 -22.31 -5.56
CA HIS B 105 -14.47 -23.71 -5.20
C HIS B 105 -15.39 -24.49 -6.14
N ALA B 106 -16.50 -23.88 -6.54
CA ALA B 106 -17.43 -24.50 -7.49
C ALA B 106 -16.78 -24.61 -8.86
N GLY B 107 -15.93 -23.65 -9.18
CA GLY B 107 -15.27 -23.59 -10.48
C GLY B 107 -16.15 -22.84 -11.46
N MET B 108 -17.03 -21.99 -10.92
CA MET B 108 -18.01 -21.25 -11.71
C MET B 108 -18.03 -19.78 -11.31
N ALA B 109 -17.62 -18.92 -12.24
CA ALA B 109 -17.51 -17.48 -11.99
C ALA B 109 -18.75 -16.88 -11.31
N LEU B 110 -18.60 -15.65 -10.85
CA LEU B 110 -19.67 -14.87 -10.26
C LEU B 110 -20.40 -14.13 -11.38
N PRO B 111 -21.62 -13.64 -11.11
CA PRO B 111 -22.26 -12.77 -12.10
C PRO B 111 -21.39 -11.53 -12.42
N ALA B 112 -21.84 -10.75 -13.40
CA ALA B 112 -21.14 -9.55 -13.81
C ALA B 112 -21.74 -8.35 -13.12
N ARG B 113 -20.97 -7.26 -13.04
CA ARG B 113 -21.45 -6.03 -12.44
C ARG B 113 -22.71 -5.52 -13.13
N ASP B 114 -22.70 -5.52 -14.46
CA ASP B 114 -23.82 -4.94 -15.21
C ASP B 114 -25.08 -5.78 -15.08
N GLN B 115 -24.88 -7.09 -15.05
CA GLN B 115 -25.92 -8.05 -14.76
C GLN B 115 -26.66 -7.69 -13.46
N ILE B 116 -25.89 -7.49 -12.38
CA ILE B 116 -26.49 -7.15 -11.09
C ILE B 116 -27.28 -5.85 -11.12
N VAL B 117 -26.62 -4.78 -11.57
CA VAL B 117 -27.20 -3.45 -11.59
C VAL B 117 -28.49 -3.35 -12.41
N ARG B 118 -28.48 -3.99 -13.57
CA ARG B 118 -29.60 -3.99 -14.51
C ARG B 118 -30.80 -4.72 -13.92
N LEU B 119 -30.54 -5.83 -13.25
CA LEU B 119 -31.56 -6.60 -12.55
C LEU B 119 -32.31 -5.71 -11.56
N ILE B 120 -31.54 -5.00 -10.75
CA ILE B 120 -32.07 -4.12 -9.73
C ILE B 120 -32.79 -2.92 -10.33
N ALA B 121 -32.23 -2.35 -11.38
CA ALA B 121 -32.90 -1.25 -12.07
C ALA B 121 -34.26 -1.66 -12.69
N ASP B 122 -34.32 -2.84 -13.31
CA ASP B 122 -35.58 -3.40 -13.83
C ASP B 122 -36.67 -3.67 -12.75
N LEU B 123 -36.25 -4.01 -11.54
CA LEU B 123 -37.20 -4.22 -10.44
C LEU B 123 -37.86 -2.88 -10.10
N ASP B 124 -37.02 -1.85 -10.07
CA ASP B 124 -37.43 -0.52 -9.65
C ASP B 124 -38.74 -0.07 -10.31
N ARG B 125 -39.75 0.23 -9.49
CA ARG B 125 -41.06 0.69 -9.95
C ARG B 125 -41.58 1.86 -9.08
N PRO B 126 -42.53 2.65 -9.62
CA PRO B 126 -43.10 3.73 -8.81
C PRO B 126 -43.95 3.15 -7.69
N GLY B 127 -43.88 3.73 -6.51
CA GLY B 127 -44.58 3.16 -5.35
C GLY B 127 -44.01 1.83 -4.87
N ARG B 128 -42.84 1.47 -5.37
CA ARG B 128 -42.19 0.22 -4.97
C ARG B 128 -40.93 0.44 -4.15
N LEU B 129 -40.82 -0.29 -3.05
CA LEU B 129 -39.61 -0.40 -2.27
C LEU B 129 -38.83 -1.58 -2.78
N THR B 130 -37.68 -1.33 -3.38
CA THR B 130 -36.84 -2.42 -3.79
C THR B 130 -35.67 -2.58 -2.79
N LEU B 131 -35.62 -3.73 -2.12
CA LEU B 131 -34.51 -4.10 -1.23
C LEU B 131 -33.50 -5.01 -1.91
N VAL B 132 -32.25 -4.65 -1.77
CA VAL B 132 -31.16 -5.45 -2.27
C VAL B 132 -30.37 -5.92 -1.07
N GLU B 133 -30.36 -7.24 -0.87
CA GLU B 133 -29.65 -7.88 0.21
C GLU B 133 -28.29 -8.35 -0.26
N GLY B 134 -27.24 -7.89 0.42
CA GLY B 134 -25.90 -8.34 0.13
C GLY B 134 -25.61 -9.71 0.72
N ALA B 135 -24.45 -10.27 0.39
CA ALA B 135 -24.02 -11.55 0.97
C ALA B 135 -22.72 -11.52 1.79
N GLY B 136 -22.70 -11.23 3.10
CA GLY B 136 -23.69 -10.43 3.81
C GLY B 136 -23.12 -9.03 4.00
N GLY B 137 -21.86 -9.00 4.48
CA GLY B 137 -21.03 -7.78 4.70
C GLY B 137 -20.71 -6.86 3.51
N LEU B 138 -20.57 -5.56 3.77
CA LEU B 138 -20.50 -4.49 2.74
C LEU B 138 -19.41 -4.62 1.68
N LEU B 139 -18.25 -5.14 2.08
CA LEU B 139 -17.11 -5.18 1.19
C LEU B 139 -16.85 -6.61 0.64
N VAL B 140 -17.80 -7.51 0.82
CA VAL B 140 -17.75 -8.84 0.18
C VAL B 140 -17.87 -8.68 -1.36
N GLU B 141 -16.96 -9.28 -2.12
CA GLU B 141 -17.04 -9.32 -3.59
C GLU B 141 -18.32 -10.06 -4.00
N LEU B 142 -19.12 -9.45 -4.87
CA LEU B 142 -20.38 -10.04 -5.32
C LEU B 142 -20.34 -10.38 -6.80
N ALA B 143 -19.56 -9.62 -7.53
CA ALA B 143 -19.54 -9.76 -8.97
C ALA B 143 -18.12 -9.65 -9.50
N GLU B 144 -17.93 -10.12 -10.72
CA GLU B 144 -16.67 -10.04 -11.45
C GLU B 144 -16.43 -8.61 -11.93
N PRO B 145 -15.22 -8.08 -11.73
CA PRO B 145 -14.10 -8.55 -10.91
C PRO B 145 -13.91 -7.70 -9.64
N GLY B 146 -14.06 -8.31 -8.48
CA GLY B 146 -13.92 -7.59 -7.22
C GLY B 146 -14.92 -6.48 -7.01
N VAL B 147 -16.14 -6.65 -7.52
CA VAL B 147 -17.18 -5.63 -7.37
C VAL B 147 -17.96 -5.92 -6.09
N THR B 148 -18.20 -4.90 -5.29
CA THR B 148 -18.81 -5.15 -3.99
C THR B 148 -20.22 -4.59 -3.98
N LEU B 149 -20.94 -4.87 -2.90
CA LEU B 149 -22.25 -4.29 -2.70
C LEU B 149 -22.19 -2.77 -2.63
N ARG B 150 -21.03 -2.24 -2.22
CA ARG B 150 -20.87 -0.79 -2.19
C ARG B 150 -20.87 -0.21 -3.61
N ASP B 151 -20.11 -0.86 -4.48
CA ASP B 151 -20.06 -0.50 -5.91
C ASP B 151 -21.44 -0.53 -6.54
N VAL B 152 -22.20 -1.59 -6.26
CA VAL B 152 -23.61 -1.69 -6.69
C VAL B 152 -24.49 -0.54 -6.16
N ALA B 153 -24.38 -0.26 -4.86
CA ALA B 153 -25.09 0.88 -4.25
C ALA B 153 -24.82 2.18 -5.00
N VAL B 154 -23.55 2.39 -5.35
CA VAL B 154 -23.14 3.56 -6.10
C VAL B 154 -23.84 3.59 -7.47
N ASP B 155 -23.73 2.51 -8.24
CA ASP B 155 -24.34 2.46 -9.58
C ASP B 155 -25.82 2.78 -9.61
N VAL B 156 -26.55 2.32 -8.60
CA VAL B 156 -27.99 2.45 -8.61
C VAL B 156 -28.48 3.54 -7.68
N ALA B 157 -27.54 4.34 -7.18
CA ALA B 157 -27.85 5.47 -6.30
C ALA B 157 -28.70 5.07 -5.11
N ALA B 158 -28.38 3.90 -4.55
CA ALA B 158 -29.13 3.38 -3.42
C ALA B 158 -28.55 3.87 -2.09
N ALA B 159 -29.42 4.04 -1.11
CA ALA B 159 -28.95 4.23 0.26
C ALA B 159 -28.74 2.84 0.92
N ALA B 160 -28.05 2.80 2.06
CA ALA B 160 -27.76 1.54 2.75
C ALA B 160 -28.31 1.46 4.17
N LEU B 161 -29.07 0.41 4.44
CA LEU B 161 -29.54 0.15 5.78
C LEU B 161 -28.55 -0.86 6.35
N VAL B 162 -27.97 -0.53 7.50
CA VAL B 162 -26.89 -1.32 8.05
C VAL B 162 -27.43 -2.16 9.22
N VAL B 163 -27.33 -3.48 9.10
CA VAL B 163 -27.75 -4.34 10.18
C VAL B 163 -26.59 -4.61 11.19
N VAL B 164 -26.89 -4.44 12.48
CA VAL B 164 -25.86 -4.51 13.49
C VAL B 164 -26.25 -5.50 14.62
N THR B 165 -25.29 -5.93 15.43
CA THR B 165 -25.61 -6.65 16.68
C THR B 165 -25.63 -5.68 17.86
N ALA B 166 -25.95 -6.17 19.04
CA ALA B 166 -25.96 -5.32 20.23
C ALA B 166 -24.84 -5.77 21.14
N ASP B 167 -24.05 -6.71 20.64
CA ASP B 167 -22.93 -7.30 21.38
C ASP B 167 -21.69 -6.44 21.39
N LEU B 168 -20.82 -6.76 22.33
CA LEU B 168 -19.49 -6.19 22.39
C LEU B 168 -18.77 -6.34 21.05
N GLY B 169 -18.27 -5.24 20.52
CA GLY B 169 -17.58 -5.29 19.25
C GLY B 169 -18.37 -4.62 18.16
N THR B 170 -19.65 -4.36 18.43
CA THR B 170 -20.55 -3.79 17.43
C THR B 170 -20.22 -2.37 17.09
N LEU B 171 -19.70 -1.62 18.06
CA LEU B 171 -19.39 -0.23 17.78
C LEU B 171 -18.25 -0.08 16.79
N ASN B 172 -17.19 -0.89 16.96
CA ASN B 172 -16.12 -0.81 15.98
C ASN B 172 -16.60 -1.25 14.57
N HIS B 173 -17.37 -2.33 14.53
CA HIS B 173 -17.93 -2.85 13.26
C HIS B 173 -18.90 -1.89 12.59
N THR B 174 -19.76 -1.28 13.38
CA THR B 174 -20.68 -0.29 12.84
C THR B 174 -19.89 0.89 12.31
N LYS B 175 -18.94 1.37 13.10
CA LYS B 175 -18.18 2.55 12.67
C LYS B 175 -17.34 2.30 11.40
N LEU B 176 -16.76 1.11 11.31
CA LEU B 176 -16.00 0.69 10.13
C LEU B 176 -16.89 0.67 8.88
N THR B 177 -18.09 0.13 9.02
CA THR B 177 -19.00 0.04 7.89
C THR B 177 -19.46 1.42 7.41
N LEU B 178 -19.79 2.28 8.36
CA LEU B 178 -20.29 3.61 8.09
C LEU B 178 -19.20 4.47 7.47
N GLU B 179 -17.95 4.25 7.86
CA GLU B 179 -16.85 4.91 7.18
C GLU B 179 -16.74 4.44 5.75
N ALA B 180 -16.86 3.13 5.55
CA ALA B 180 -16.73 2.62 4.21
C ALA B 180 -17.84 3.18 3.31
N LEU B 181 -19.04 3.29 3.84
CA LEU B 181 -20.16 3.91 3.10
C LEU B 181 -19.83 5.34 2.68
N ALA B 182 -19.45 6.18 3.65
CA ALA B 182 -19.20 7.58 3.38
C ALA B 182 -18.01 7.80 2.46
N ALA B 183 -17.06 6.87 2.47
CA ALA B 183 -15.89 6.99 1.60
C ALA B 183 -16.23 6.97 0.12
N GLN B 184 -17.31 6.28 -0.23
CA GLN B 184 -17.78 6.28 -1.62
C GLN B 184 -19.10 7.02 -1.77
N GLN B 185 -19.43 7.84 -0.78
CA GLN B 185 -20.62 8.70 -0.79
C GLN B 185 -21.97 7.95 -0.88
N VAL B 186 -22.04 6.75 -0.31
CA VAL B 186 -23.35 6.11 -0.22
C VAL B 186 -24.02 6.44 1.08
N SER B 187 -25.24 6.93 0.94
CA SER B 187 -26.02 7.43 2.04
C SER B 187 -26.30 6.34 3.05
N ALA B 189 -28.94 5.19 5.61
CA ALA B 189 -30.38 5.24 5.79
C ALA B 189 -30.71 4.79 7.23
N GLY B 190 -29.70 4.30 7.94
CA GLY B 190 -29.84 3.98 9.35
C GLY B 190 -29.38 2.60 9.75
N LEU B 191 -29.53 2.29 11.04
CA LEU B 191 -29.17 0.99 11.60
C LEU B 191 -30.38 0.18 12.04
N VAL B 192 -30.29 -1.14 11.93
CA VAL B 192 -31.24 -2.00 12.60
C VAL B 192 -30.46 -3.01 13.42
N ILE B 193 -30.82 -3.14 14.69
CA ILE B 193 -30.26 -4.20 15.52
C ILE B 193 -31.00 -5.48 15.16
N GLY B 194 -30.26 -6.44 14.60
CA GLY B 194 -30.85 -7.67 14.09
C GLY B 194 -31.48 -8.54 15.15
N SER B 195 -30.94 -8.49 16.38
CA SER B 195 -31.44 -9.26 17.51
C SER B 195 -31.25 -8.53 18.85
N TRP B 196 -32.36 -8.17 19.49
CA TRP B 196 -32.35 -7.49 20.75
C TRP B 196 -32.64 -8.47 21.90
N PRO B 197 -31.62 -8.77 22.73
CA PRO B 197 -31.70 -9.83 23.77
C PRO B 197 -32.73 -9.56 24.85
N ASP B 198 -33.22 -10.64 25.46
CA ASP B 198 -34.06 -10.55 26.66
C ASP B 198 -33.60 -11.52 27.74
N PRO B 199 -33.24 -10.99 28.92
CA PRO B 199 -33.16 -9.53 29.13
C PRO B 199 -31.88 -8.98 28.48
N PRO B 200 -31.83 -7.66 28.23
CA PRO B 200 -30.72 -7.05 27.48
C PRO B 200 -29.30 -7.39 28.01
N GLY B 201 -29.01 -6.96 29.23
CA GLY B 201 -27.65 -7.04 29.73
C GLY B 201 -27.05 -5.65 29.70
N LEU B 202 -25.99 -5.46 30.47
CA LEU B 202 -25.37 -4.14 30.61
C LEU B 202 -24.75 -3.63 29.30
N VAL B 203 -24.09 -4.51 28.55
CA VAL B 203 -23.45 -4.10 27.27
C VAL B 203 -24.46 -3.81 26.18
N ALA B 204 -25.36 -4.75 25.95
CA ALA B 204 -26.44 -4.53 24.98
C ALA B 204 -27.20 -3.23 25.31
N ALA B 205 -27.54 -3.06 26.57
CA ALA B 205 -28.22 -1.84 27.02
C ALA B 205 -27.41 -0.58 26.71
N SER B 206 -26.12 -0.64 27.02
CA SER B 206 -25.21 0.47 26.74
C SER B 206 -25.02 0.70 25.24
N ASN B 207 -24.82 -0.38 24.50
CA ASN B 207 -24.59 -0.30 23.05
C ASN B 207 -25.77 0.31 22.32
N ARG B 208 -26.96 0.01 22.80
CA ARG B 208 -28.10 0.60 22.17
C ARG B 208 -28.06 2.12 22.25
N SER B 209 -27.70 2.69 23.40
CA SER B 209 -27.55 4.15 23.50
C SER B 209 -26.39 4.65 22.63
N ALA B 210 -25.28 3.93 22.67
CA ALA B 210 -24.11 4.33 21.91
C ALA B 210 -24.40 4.29 20.41
N LEU B 211 -25.11 3.27 19.96
CA LEU B 211 -25.40 3.19 18.53
C LEU B 211 -26.36 4.33 18.14
N ALA B 212 -27.26 4.71 19.04
CA ALA B 212 -28.18 5.82 18.77
C ALA B 212 -27.47 7.17 18.70
N ARG B 213 -26.26 7.24 19.22
CA ARG B 213 -25.46 8.47 19.13
C ARG B 213 -24.69 8.52 17.81
N ILE B 214 -24.46 7.37 17.18
CA ILE B 214 -23.75 7.32 15.90
C ILE B 214 -24.72 7.47 14.75
N ALA B 215 -25.90 6.86 14.86
CA ALA B 215 -26.88 6.93 13.78
C ALA B 215 -28.31 6.70 14.26
N MET B 216 -29.26 6.83 13.34
CA MET B 216 -30.65 6.48 13.63
C MET B 216 -30.79 4.96 13.64
N VAL B 217 -31.26 4.42 14.76
CA VAL B 217 -31.64 3.02 14.88
C VAL B 217 -33.10 2.93 14.49
N ARG B 218 -33.39 2.29 13.35
CA ARG B 218 -34.74 2.24 12.80
C ARG B 218 -35.58 1.21 13.48
N ALA B 219 -34.91 0.24 14.10
CA ALA B 219 -35.58 -0.87 14.74
C ALA B 219 -34.56 -1.74 15.47
N ALA B 220 -35.05 -2.48 16.46
CA ALA B 220 -34.29 -3.52 17.13
C ALA B 220 -35.24 -4.69 17.21
N LEU B 221 -34.91 -5.76 16.50
CA LEU B 221 -35.80 -6.91 16.39
C LEU B 221 -35.63 -7.82 17.58
N PRO B 222 -36.74 -8.22 18.23
CA PRO B 222 -36.66 -9.05 19.41
C PRO B 222 -35.94 -10.34 19.12
N ALA B 223 -35.06 -10.75 20.02
CA ALA B 223 -34.37 -12.02 19.85
C ALA B 223 -35.40 -13.14 19.61
N GLY B 224 -35.11 -14.02 18.64
CA GLY B 224 -36.00 -15.13 18.31
C GLY B 224 -37.03 -14.86 17.22
N ALA B 225 -37.04 -13.63 16.68
CA ALA B 225 -38.01 -13.27 15.64
C ALA B 225 -37.93 -14.18 14.40
N ALA B 226 -36.80 -14.84 14.19
CA ALA B 226 -36.62 -15.70 13.02
C ALA B 226 -37.48 -16.98 13.06
N SER B 227 -37.93 -17.38 14.26
CA SER B 227 -38.72 -18.62 14.43
C SER B 227 -40.23 -18.39 14.40
N LEU B 228 -40.67 -17.14 14.24
CA LEU B 228 -42.10 -16.78 14.23
C LEU B 228 -42.84 -17.26 12.98
N ASP B 229 -44.10 -17.69 13.14
CA ASP B 229 -44.96 -17.94 11.99
C ASP B 229 -45.24 -16.64 11.27
N ALA B 230 -45.81 -16.73 10.08
CA ALA B 230 -46.07 -15.56 9.25
C ALA B 230 -46.88 -14.47 9.95
N GLY B 231 -47.90 -14.87 10.70
CA GLY B 231 -48.80 -13.91 11.37
C GLY B 231 -48.13 -13.14 12.50
N ASP B 232 -47.46 -13.88 13.38
CA ASP B 232 -46.67 -13.24 14.43
C ASP B 232 -45.54 -12.38 13.87
N PHE B 233 -44.89 -12.85 12.79
CA PHE B 233 -43.81 -12.06 12.18
C PHE B 233 -44.30 -10.71 11.65
N ALA B 234 -45.48 -10.70 11.04
CA ALA B 234 -46.04 -9.48 10.47
C ALA B 234 -46.32 -8.42 11.55
N ALA B 235 -46.83 -8.89 12.68
CA ALA B 235 -47.18 -8.03 13.80
C ALA B 235 -45.91 -7.52 14.46
N MET B 236 -44.93 -8.40 14.65
CA MET B 236 -43.66 -7.98 15.20
C MET B 236 -43.08 -6.87 14.31
N SER B 237 -43.13 -7.07 12.98
CA SER B 237 -42.63 -6.09 12.00
C SER B 237 -43.34 -4.73 11.99
N ALA B 238 -44.67 -4.74 12.00
CA ALA B 238 -45.44 -3.52 12.02
C ALA B 238 -45.10 -2.69 13.28
N ALA B 239 -44.85 -3.38 14.39
CA ALA B 239 -44.49 -2.73 15.62
C ALA B 239 -43.01 -2.30 15.70
N ALA B 240 -42.14 -2.89 14.87
CA ALA B 240 -40.70 -2.73 15.03
C ALA B 240 -40.18 -1.46 14.37
N PHE B 241 -40.86 -1.04 13.32
CA PHE B 241 -40.42 0.11 12.56
C PHE B 241 -41.37 1.28 12.78
N ASP B 242 -40.89 2.48 12.50
CA ASP B 242 -41.71 3.66 12.55
C ASP B 242 -42.46 3.79 11.22
N ARG B 243 -43.80 3.73 11.27
CA ARG B 243 -44.66 3.72 10.08
C ARG B 243 -44.35 4.88 9.15
N ASN B 244 -44.18 6.04 9.75
CA ASN B 244 -43.87 7.22 8.99
C ASN B 244 -42.54 7.12 8.26
N TRP B 245 -41.55 6.53 8.93
CA TRP B 245 -40.28 6.36 8.28
C TRP B 245 -40.44 5.43 7.08
N VAL B 246 -41.11 4.31 7.29
CA VAL B 246 -41.26 3.29 6.26
C VAL B 246 -42.00 3.85 5.05
N ALA B 247 -43.20 4.36 5.29
CA ALA B 247 -43.96 5.12 4.29
C ALA B 247 -43.09 6.15 3.57
N GLY B 248 -42.28 6.89 4.34
CA GLY B 248 -41.39 7.87 3.74
C GLY B 248 -40.44 7.36 2.66
N LEU B 249 -40.10 6.08 2.72
CA LEU B 249 -39.10 5.53 1.80
C LEU B 249 -39.54 5.58 0.35
N VAL B 250 -40.82 5.80 0.13
CA VAL B 250 -41.43 5.66 -1.20
C VAL B 250 -42.31 6.84 -1.61
N SER C 24 2.10 -21.80 -6.19
CA SER C 24 1.82 -21.98 -7.65
C SER C 24 2.77 -23.00 -8.30
N HIS C 25 2.26 -23.72 -9.31
CA HIS C 25 3.07 -24.69 -10.07
C HIS C 25 3.92 -23.99 -11.14
N MET C 26 3.23 -23.14 -11.89
CA MET C 26 3.75 -21.96 -12.59
C MET C 26 5.08 -21.33 -12.12
N THR C 27 6.01 -21.14 -13.05
CA THR C 27 7.05 -20.14 -12.82
C THR C 27 6.58 -18.74 -13.23
N ILE C 28 6.86 -17.76 -12.38
CA ILE C 28 6.40 -16.39 -12.56
C ILE C 28 7.59 -15.46 -12.50
N LEU C 29 7.71 -14.59 -13.51
CA LEU C 29 8.81 -13.63 -13.58
C LEU C 29 8.24 -12.25 -13.74
N VAL C 30 8.51 -11.35 -12.82
CA VAL C 30 8.13 -9.97 -13.08
C VAL C 30 9.20 -9.30 -13.93
N VAL C 31 8.75 -8.56 -14.95
CA VAL C 31 9.66 -7.79 -15.78
C VAL C 31 9.46 -6.32 -15.46
N THR C 32 10.47 -5.74 -14.83
CA THR C 32 10.41 -4.34 -14.46
C THR C 32 11.48 -3.56 -15.24
N GLY C 33 11.53 -2.25 -15.09
CA GLY C 33 12.57 -1.45 -15.78
C GLY C 33 13.09 -0.43 -14.80
N THR C 34 14.28 0.11 -15.05
CA THR C 34 14.83 1.14 -14.17
C THR C 34 14.06 2.45 -14.30
N GLY C 35 13.18 2.50 -15.29
CA GLY C 35 12.38 3.68 -15.51
C GLY C 35 11.43 3.47 -16.67
N THR C 36 10.90 4.57 -17.20
CA THR C 36 10.06 4.48 -18.37
C THR C 36 10.90 4.61 -19.66
N GLY C 37 10.47 3.90 -20.70
CA GLY C 37 11.08 3.99 -22.02
C GLY C 37 12.34 3.18 -22.21
N VAL C 38 12.56 2.21 -21.33
CA VAL C 38 13.80 1.44 -21.33
C VAL C 38 13.73 0.25 -22.28
N GLY C 39 12.53 -0.04 -22.78
CA GLY C 39 12.32 -1.15 -23.72
C GLY C 39 11.75 -2.40 -23.06
N LYS C 40 10.97 -2.23 -22.00
CA LYS C 40 10.39 -3.36 -21.22
C LYS C 40 9.52 -4.28 -22.06
N THR C 41 8.64 -3.67 -22.85
CA THR C 41 7.68 -4.41 -23.64
C THR C 41 8.39 -5.23 -24.70
N VAL C 42 9.41 -4.66 -25.33
CA VAL C 42 10.14 -5.42 -26.34
C VAL C 42 10.93 -6.56 -25.68
N VAL C 43 11.48 -6.31 -24.48
CA VAL C 43 12.14 -7.39 -23.72
C VAL C 43 11.20 -8.55 -23.34
N CYS C 44 10.00 -8.24 -22.85
CA CYS C 44 9.01 -9.29 -22.62
C CYS C 44 8.75 -10.09 -23.89
N ALA C 45 8.54 -9.39 -25.00
CA ALA C 45 8.31 -10.06 -26.27
C ALA C 45 9.51 -10.95 -26.64
N ALA C 46 10.72 -10.41 -26.53
CA ALA C 46 11.93 -11.15 -26.85
C ALA C 46 12.06 -12.41 -25.99
N LEU C 47 11.85 -12.27 -24.68
CA LEU C 47 11.94 -13.43 -23.80
C LEU C 47 10.79 -14.44 -24.03
N ALA C 48 9.60 -13.95 -24.34
CA ALA C 48 8.46 -14.82 -24.64
C ALA C 48 8.77 -15.65 -25.88
N SER C 49 9.27 -14.97 -26.91
CA SER C 49 9.65 -15.64 -28.16
C SER C 49 10.72 -16.71 -27.94
N ALA C 50 11.77 -16.37 -27.18
CA ALA C 50 12.85 -17.32 -26.93
C ALA C 50 12.31 -18.52 -26.13
N ALA C 51 11.39 -18.27 -25.21
CA ALA C 51 10.81 -19.32 -24.40
C ALA C 51 9.96 -20.29 -25.22
N ARG C 52 9.20 -19.75 -26.16
CA ARG C 52 8.34 -20.59 -27.00
C ARG C 52 9.21 -21.46 -27.91
N GLN C 53 10.29 -20.85 -28.40
CA GLN C 53 11.27 -21.56 -29.19
C GLN C 53 12.02 -22.66 -28.39
N ALA C 54 11.95 -22.63 -27.06
CA ALA C 54 12.46 -23.75 -26.26
C ALA C 54 11.37 -24.75 -25.80
N GLY C 55 10.16 -24.58 -26.32
CA GLY C 55 9.06 -25.51 -26.06
C GLY C 55 8.22 -25.12 -24.85
N ILE C 56 8.52 -23.94 -24.29
CA ILE C 56 7.87 -23.48 -23.09
C ILE C 56 6.50 -22.84 -23.35
N ASP C 57 5.54 -23.23 -22.51
CA ASP C 57 4.23 -22.61 -22.44
C ASP C 57 4.36 -21.25 -21.74
N VAL C 58 4.35 -20.18 -22.53
CA VAL C 58 4.49 -18.80 -22.03
C VAL C 58 3.18 -18.00 -21.98
N ALA C 59 2.83 -17.47 -20.82
CA ALA C 59 1.77 -16.47 -20.72
C ALA C 59 2.37 -15.11 -20.37
N VAL C 60 1.74 -14.03 -20.86
CA VAL C 60 2.18 -12.68 -20.56
C VAL C 60 1.02 -11.89 -20.00
N CYS C 61 1.27 -11.26 -18.86
CA CYS C 61 0.26 -10.60 -18.06
C CYS C 61 0.68 -9.14 -17.94
N LYS C 62 -0.29 -8.23 -18.05
CA LYS C 62 -0.05 -6.80 -17.94
C LYS C 62 -1.22 -6.24 -17.17
N PRO C 63 -1.12 -6.30 -15.83
CA PRO C 63 -2.27 -5.98 -14.98
C PRO C 63 -2.70 -4.54 -15.03
N VAL C 64 -1.77 -3.65 -15.34
CA VAL C 64 -2.07 -2.23 -15.39
C VAL C 64 -1.46 -1.59 -16.65
N GLN C 65 -2.34 -1.02 -17.49
CA GLN C 65 -1.96 -0.42 -18.75
C GLN C 65 -2.48 1.01 -18.80
N THR C 66 -1.59 1.95 -19.09
CA THR C 66 -1.99 3.32 -19.33
C THR C 66 -1.62 3.71 -20.77
N GLY C 67 -2.07 4.88 -21.20
CA GLY C 67 -1.61 5.47 -22.44
C GLY C 67 -2.28 5.00 -23.70
N THR C 68 -3.46 4.41 -23.60
CA THR C 68 -4.16 3.94 -24.79
C THR C 68 -4.53 5.12 -25.72
N ALA C 69 -4.86 6.26 -25.12
CA ALA C 69 -5.14 7.49 -25.89
C ALA C 69 -4.03 7.81 -26.88
N ARG C 70 -2.82 7.33 -26.60
CA ARG C 70 -1.64 7.61 -27.40
C ARG C 70 -1.31 6.42 -28.31
N GLY C 71 -2.07 5.34 -28.19
CA GLY C 71 -1.84 4.13 -28.99
C GLY C 71 -1.09 3.02 -28.26
N ASP C 72 -0.82 3.22 -26.97
CA ASP C 72 -0.09 2.23 -26.17
C ASP C 72 -0.93 0.98 -25.90
N ASP C 73 -0.41 -0.19 -26.28
CA ASP C 73 -1.02 -1.47 -25.87
C ASP C 73 0.06 -2.54 -25.79
N ASP C 74 0.63 -2.73 -24.61
CA ASP C 74 1.82 -3.60 -24.52
C ASP C 74 1.50 -5.08 -24.79
N LEU C 75 0.39 -5.58 -24.25
CA LEU C 75 -0.04 -6.95 -24.56
C LEU C 75 -0.17 -7.19 -26.07
N ALA C 76 -0.72 -6.22 -26.79
CA ALA C 76 -0.98 -6.34 -28.22
C ALA C 76 0.33 -6.32 -29.01
N GLU C 77 1.27 -5.50 -28.55
CA GLU C 77 2.60 -5.47 -29.14
C GLU C 77 3.34 -6.82 -28.89
N VAL C 78 3.18 -7.39 -27.70
CA VAL C 78 3.82 -8.68 -27.41
C VAL C 78 3.23 -9.78 -28.29
N GLY C 79 1.91 -9.78 -28.42
CA GLY C 79 1.23 -10.80 -29.21
C GLY C 79 1.65 -10.75 -30.68
N ARG C 80 2.02 -9.56 -31.13
CA ARG C 80 2.40 -9.34 -32.51
C ARG C 80 3.87 -9.63 -32.79
N LEU C 81 4.74 -9.28 -31.86
CA LEU C 81 6.17 -9.48 -32.11
C LEU C 81 6.54 -10.93 -31.88
N ALA C 82 5.89 -11.52 -30.88
CA ALA C 82 6.33 -12.79 -30.33
C ALA C 82 5.34 -13.92 -30.66
N GLY C 83 4.09 -13.52 -30.91
CA GLY C 83 3.07 -14.47 -31.28
C GLY C 83 2.36 -15.14 -30.13
N VAL C 84 2.57 -14.67 -28.90
CA VAL C 84 1.86 -15.29 -27.78
C VAL C 84 0.38 -14.90 -27.83
N THR C 85 -0.47 -15.85 -27.46
CA THR C 85 -1.91 -15.70 -27.59
C THR C 85 -2.47 -15.68 -26.19
N GLN C 86 -1.69 -16.22 -25.27
CA GLN C 86 -2.06 -16.22 -23.86
C GLN C 86 -1.66 -14.90 -23.21
N LEU C 87 -2.55 -13.92 -23.32
CA LEU C 87 -2.30 -12.54 -22.89
C LEU C 87 -3.36 -12.15 -21.88
N ALA C 88 -2.94 -11.58 -20.75
CA ALA C 88 -3.89 -11.33 -19.68
C ALA C 88 -3.79 -9.89 -19.15
N GLY C 89 -4.90 -9.16 -19.28
CA GLY C 89 -4.94 -7.77 -18.89
C GLY C 89 -6.00 -7.60 -17.85
N LEU C 90 -6.01 -6.42 -17.24
CA LEU C 90 -7.03 -6.12 -16.27
C LEU C 90 -7.47 -4.66 -16.44
N ALA C 91 -6.65 -3.75 -15.91
CA ALA C 91 -6.96 -2.32 -15.89
C ALA C 91 -6.32 -1.58 -17.07
N ARG C 92 -7.09 -0.74 -17.75
CA ARG C 92 -6.59 0.01 -18.91
C ARG C 92 -7.09 1.45 -18.80
N TYR C 93 -6.18 2.41 -18.94
CA TYR C 93 -6.53 3.82 -18.79
C TYR C 93 -6.00 4.55 -20.00
N PRO C 94 -6.80 5.47 -20.57
CA PRO C 94 -6.40 6.21 -21.77
C PRO C 94 -5.19 7.16 -21.66
N GLN C 95 -5.07 7.93 -20.57
CA GLN C 95 -4.00 8.93 -20.52
C GLN C 95 -2.63 8.32 -20.19
N PRO C 96 -1.56 8.81 -20.86
CA PRO C 96 -0.24 8.23 -20.60
C PRO C 96 0.42 8.85 -19.39
N MET C 97 -0.15 8.57 -18.24
CA MET C 97 0.34 9.08 -16.98
C MET C 97 0.62 7.90 -16.05
N ALA C 98 1.19 8.17 -14.89
CA ALA C 98 1.32 7.13 -13.89
C ALA C 98 -0.08 6.56 -13.67
N PRO C 99 -0.18 5.23 -13.49
CA PRO C 99 -1.49 4.59 -13.26
C PRO C 99 -2.45 5.37 -12.36
N ALA C 100 -1.98 5.89 -11.23
CA ALA C 100 -2.88 6.60 -10.32
C ALA C 100 -3.45 7.86 -10.96
N ALA C 101 -2.60 8.60 -11.69
CA ALA C 101 -3.01 9.83 -12.37
C ALA C 101 -3.92 9.51 -13.55
N ALA C 102 -3.56 8.48 -14.31
CA ALA C 102 -4.38 8.08 -15.44
C ALA C 102 -5.78 7.58 -15.01
N ALA C 103 -5.83 6.86 -13.89
CA ALA C 103 -7.08 6.32 -13.38
C ALA C 103 -8.02 7.43 -12.92
N GLU C 104 -7.46 8.42 -12.23
CA GLU C 104 -8.28 9.52 -11.74
C GLU C 104 -8.75 10.41 -12.89
N HIS C 105 -7.88 10.63 -13.86
CA HIS C 105 -8.28 11.41 -15.01
C HIS C 105 -9.50 10.75 -15.68
N ALA C 106 -9.48 9.42 -15.76
CA ALA C 106 -10.56 8.64 -16.38
C ALA C 106 -11.81 8.52 -15.50
N GLY C 107 -11.72 9.03 -14.27
CA GLY C 107 -12.80 8.87 -13.32
C GLY C 107 -12.95 7.43 -12.89
N MET C 108 -11.84 6.71 -12.77
CA MET C 108 -11.88 5.31 -12.38
C MET C 108 -11.03 5.04 -11.15
N ALA C 109 -11.14 3.82 -10.63
CA ALA C 109 -10.32 3.32 -9.55
C ALA C 109 -9.14 2.53 -10.12
N LEU C 110 -8.05 2.48 -9.35
CA LEU C 110 -6.99 1.51 -9.60
C LEU C 110 -7.56 0.15 -9.20
N PRO C 111 -7.08 -0.93 -9.83
CA PRO C 111 -7.51 -2.29 -9.47
C PRO C 111 -7.14 -2.66 -8.03
N ALA C 112 -7.91 -3.54 -7.42
CA ALA C 112 -7.57 -4.04 -6.11
C ALA C 112 -6.30 -4.88 -6.22
N ARG C 113 -5.50 -4.85 -5.17
CA ARG C 113 -4.32 -5.72 -5.07
C ARG C 113 -4.69 -7.19 -5.26
N ASP C 114 -5.73 -7.65 -4.58
CA ASP C 114 -6.08 -9.07 -4.69
C ASP C 114 -6.52 -9.48 -6.12
N GLN C 115 -7.02 -8.53 -6.91
CA GLN C 115 -7.40 -8.81 -8.29
C GLN C 115 -6.20 -8.94 -9.22
N ILE C 116 -5.17 -8.12 -9.00
CA ILE C 116 -3.92 -8.28 -9.74
C ILE C 116 -3.32 -9.65 -9.42
N VAL C 117 -3.30 -10.00 -8.14
CA VAL C 117 -2.72 -11.26 -7.71
C VAL C 117 -3.49 -12.45 -8.27
N ARG C 118 -4.82 -12.40 -8.16
CA ARG C 118 -5.64 -13.49 -8.67
C ARG C 118 -5.64 -13.54 -10.21
N LEU C 119 -5.55 -12.38 -10.85
CA LEU C 119 -5.30 -12.33 -12.29
C LEU C 119 -4.08 -13.16 -12.66
N ILE C 120 -3.00 -12.97 -11.92
CA ILE C 120 -1.78 -13.73 -12.17
C ILE C 120 -1.99 -15.21 -11.82
N ALA C 121 -2.73 -15.46 -10.74
CA ALA C 121 -2.93 -16.81 -10.20
C ALA C 121 -3.77 -17.65 -11.13
N ASP C 122 -4.85 -17.05 -11.65
CA ASP C 122 -5.74 -17.73 -12.60
C ASP C 122 -5.00 -18.22 -13.83
N LEU C 123 -3.77 -17.75 -14.02
CA LEU C 123 -2.96 -18.27 -15.11
C LEU C 123 -2.19 -19.55 -14.75
N ASP C 124 -2.32 -20.02 -13.51
CA ASP C 124 -1.45 -21.09 -12.99
C ASP C 124 -1.61 -22.41 -13.73
N ARG C 125 -0.52 -22.83 -14.37
CA ARG C 125 -0.43 -24.14 -15.03
C ARG C 125 0.89 -24.78 -14.62
N PRO C 126 0.88 -26.11 -14.39
CA PRO C 126 2.15 -26.85 -14.28
C PRO C 126 3.04 -26.65 -15.51
N GLY C 127 4.29 -26.24 -15.30
CA GLY C 127 5.24 -26.08 -16.39
C GLY C 127 5.22 -24.72 -17.09
N ARG C 128 4.22 -23.89 -16.78
CA ARG C 128 4.08 -22.57 -17.41
C ARG C 128 5.12 -21.54 -16.94
N LEU C 129 5.54 -20.69 -17.88
CA LEU C 129 6.28 -19.46 -17.61
C LEU C 129 5.30 -18.29 -17.77
N THR C 130 5.00 -17.60 -16.68
CA THR C 130 4.25 -16.35 -16.74
C THR C 130 5.19 -15.14 -16.55
N LEU C 131 5.09 -14.17 -17.45
CA LEU C 131 5.78 -12.89 -17.34
C LEU C 131 4.75 -11.87 -16.94
N VAL C 132 5.07 -11.10 -15.90
CA VAL C 132 4.21 -10.01 -15.48
C VAL C 132 4.97 -8.72 -15.74
N GLU C 133 4.55 -7.97 -16.76
CA GLU C 133 5.19 -6.69 -17.11
C GLU C 133 4.59 -5.61 -16.20
N GLY C 134 5.41 -4.73 -15.65
CA GLY C 134 4.89 -3.69 -14.79
C GLY C 134 4.46 -2.46 -15.57
N ALA C 135 4.06 -1.43 -14.85
CA ALA C 135 3.79 -0.15 -15.46
C ALA C 135 4.93 0.74 -14.98
N GLY C 136 5.76 1.18 -15.92
CA GLY C 136 6.95 1.94 -15.58
C GLY C 136 7.96 1.11 -14.78
N GLY C 137 8.54 1.76 -13.78
CA GLY C 137 9.54 1.15 -12.89
C GLY C 137 8.97 0.49 -11.66
N LEU C 138 9.87 -0.11 -10.88
CA LEU C 138 9.51 -0.95 -9.74
C LEU C 138 8.50 -0.37 -8.75
N LEU C 139 8.70 0.87 -8.33
CA LEU C 139 7.89 1.45 -7.27
C LEU C 139 6.67 2.27 -7.75
N VAL C 140 6.29 2.12 -9.00
CA VAL C 140 5.06 2.72 -9.51
C VAL C 140 3.85 2.08 -8.84
N GLU C 141 2.96 2.92 -8.29
CA GLU C 141 1.76 2.42 -7.64
C GLU C 141 0.81 1.74 -8.65
N LEU C 142 0.49 0.48 -8.40
CA LEU C 142 -0.36 -0.31 -9.29
C LEU C 142 -1.73 -0.47 -8.66
N ALA C 143 -1.73 -0.51 -7.32
CA ALA C 143 -2.97 -0.63 -6.54
C ALA C 143 -2.86 0.19 -5.26
N GLU C 144 -3.99 0.60 -4.72
CA GLU C 144 -4.04 1.33 -3.47
C GLU C 144 -3.84 0.37 -2.26
N PRO C 145 -3.12 0.82 -1.23
CA PRO C 145 -2.34 2.05 -1.11
C PRO C 145 -0.85 1.84 -1.30
N GLY C 146 -0.31 2.31 -2.43
CA GLY C 146 1.12 2.22 -2.69
C GLY C 146 1.57 0.80 -2.90
N VAL C 147 0.66 -0.05 -3.37
CA VAL C 147 1.00 -1.41 -3.74
C VAL C 147 1.75 -1.40 -5.09
N THR C 148 2.97 -1.93 -5.11
CA THR C 148 3.79 -1.86 -6.30
C THR C 148 3.99 -3.25 -6.91
N LEU C 149 4.71 -3.30 -8.03
CA LEU C 149 5.15 -4.55 -8.65
C LEU C 149 6.08 -5.33 -7.72
N ARG C 150 6.81 -4.62 -6.87
CA ARG C 150 7.68 -5.29 -5.90
C ARG C 150 6.80 -6.11 -4.91
N ASP C 151 5.74 -5.50 -4.42
CA ASP C 151 4.81 -6.17 -3.54
C ASP C 151 4.17 -7.37 -4.20
N VAL C 152 3.66 -7.15 -5.42
CA VAL C 152 3.05 -8.22 -6.20
C VAL C 152 4.00 -9.41 -6.37
N ALA C 153 5.27 -9.12 -6.63
CA ALA C 153 6.29 -10.15 -6.79
C ALA C 153 6.42 -11.00 -5.52
N VAL C 154 6.31 -10.34 -4.36
CA VAL C 154 6.32 -11.06 -3.09
C VAL C 154 5.06 -11.91 -2.97
N ASP C 155 3.90 -11.31 -3.22
CA ASP C 155 2.62 -12.02 -3.15
C ASP C 155 2.62 -13.31 -3.96
N VAL C 156 3.26 -13.28 -5.15
CA VAL C 156 3.26 -14.44 -6.02
C VAL C 156 4.59 -15.21 -6.06
N ALA C 157 5.52 -14.87 -5.19
CA ALA C 157 6.81 -15.55 -5.16
C ALA C 157 7.51 -15.48 -6.51
N ALA C 158 7.51 -14.30 -7.11
CA ALA C 158 8.15 -14.11 -8.41
C ALA C 158 9.53 -13.48 -8.29
N ALA C 159 10.50 -13.99 -9.07
CA ALA C 159 11.77 -13.28 -9.27
C ALA C 159 11.50 -12.06 -10.14
N ALA C 160 12.51 -11.21 -10.27
CA ALA C 160 12.41 -10.00 -11.08
C ALA C 160 13.52 -9.89 -12.12
N LEU C 161 13.11 -9.69 -13.38
CA LEU C 161 14.04 -9.39 -14.47
C LEU C 161 14.07 -7.88 -14.64
N VAL C 162 15.26 -7.28 -14.66
CA VAL C 162 15.37 -5.82 -14.69
C VAL C 162 15.85 -5.30 -16.05
N VAL C 163 15.07 -4.42 -16.65
CA VAL C 163 15.38 -3.95 -17.99
C VAL C 163 16.03 -2.57 -17.86
N VAL C 164 17.14 -2.37 -18.56
CA VAL C 164 17.98 -1.20 -18.32
C VAL C 164 18.39 -0.55 -19.64
N THR C 165 18.91 0.68 -19.56
CA THR C 165 19.56 1.26 -20.74
C THR C 165 21.07 1.13 -20.60
N ALA C 166 21.80 1.47 -21.64
CA ALA C 166 23.25 1.54 -21.56
C ALA C 166 23.68 3.00 -21.56
N ASP C 167 22.73 3.88 -21.26
CA ASP C 167 22.96 5.32 -21.35
C ASP C 167 23.45 5.86 -20.03
N LEU C 168 24.13 6.99 -20.11
CA LEU C 168 24.36 7.88 -18.98
C LEU C 168 23.24 7.90 -17.93
N GLY C 169 23.56 7.50 -16.71
CA GLY C 169 22.58 7.45 -15.63
C GLY C 169 22.06 6.06 -15.28
N THR C 170 22.42 5.06 -16.09
CA THR C 170 21.90 3.70 -15.91
C THR C 170 22.46 3.00 -14.66
N LEU C 171 23.67 3.36 -14.29
CA LEU C 171 24.31 2.73 -13.15
C LEU C 171 23.55 3.08 -11.87
N ASN C 172 23.34 4.38 -11.67
CA ASN C 172 22.54 4.83 -10.57
C ASN C 172 21.13 4.23 -10.59
N HIS C 173 20.39 4.41 -11.67
CA HIS C 173 19.05 3.85 -11.76
C HIS C 173 19.00 2.31 -11.53
N THR C 174 19.97 1.59 -12.06
CA THR C 174 20.01 0.13 -11.85
C THR C 174 20.32 -0.30 -10.42
N LYS C 175 21.28 0.38 -9.79
CA LYS C 175 21.61 0.07 -8.41
C LYS C 175 20.49 0.41 -7.45
N LEU C 176 19.75 1.47 -7.76
CA LEU C 176 18.63 1.84 -6.90
C LEU C 176 17.58 0.73 -6.95
N THR C 177 17.35 0.22 -8.16
CA THR C 177 16.32 -0.76 -8.42
C THR C 177 16.69 -2.10 -7.77
N LEU C 178 17.94 -2.51 -7.96
CA LEU C 178 18.47 -3.72 -7.37
C LEU C 178 18.42 -3.66 -5.83
N GLU C 179 18.72 -2.49 -5.25
CA GLU C 179 18.54 -2.29 -3.81
C GLU C 179 17.10 -2.39 -3.33
N ALA C 180 16.16 -1.85 -4.09
CA ALA C 180 14.76 -1.98 -3.68
C ALA C 180 14.30 -3.45 -3.73
N LEU C 181 14.78 -4.18 -4.74
CA LEU C 181 14.47 -5.60 -4.87
C LEU C 181 14.96 -6.39 -3.66
N ALA C 182 16.26 -6.27 -3.38
CA ALA C 182 16.88 -6.88 -2.20
C ALA C 182 16.18 -6.54 -0.86
N ALA C 183 15.70 -5.31 -0.72
CA ALA C 183 15.15 -4.86 0.57
C ALA C 183 13.95 -5.69 1.00
N GLN C 184 13.34 -6.37 0.03
CA GLN C 184 12.16 -7.18 0.31
C GLN C 184 12.35 -8.60 -0.19
N GLN C 185 13.62 -8.99 -0.28
CA GLN C 185 14.00 -10.33 -0.71
C GLN C 185 13.31 -10.83 -2.00
N VAL C 186 13.18 -9.95 -3.00
CA VAL C 186 12.77 -10.36 -4.33
C VAL C 186 14.02 -10.78 -5.07
N SER C 187 14.06 -12.02 -5.50
CA SER C 187 15.24 -12.50 -6.21
C SER C 187 15.35 -11.76 -7.54
N ALA C 189 16.47 -11.90 -11.24
CA ALA C 189 16.71 -12.87 -12.29
C ALA C 189 17.80 -12.42 -13.25
N GLY C 190 18.30 -11.21 -13.03
CA GLY C 190 19.30 -10.63 -13.95
C GLY C 190 18.77 -9.38 -14.64
N LEU C 191 19.54 -8.88 -15.61
CA LEU C 191 19.28 -7.59 -16.27
C LEU C 191 19.16 -7.82 -17.77
N VAL C 192 18.34 -7.00 -18.44
CA VAL C 192 18.40 -6.96 -19.91
C VAL C 192 18.55 -5.52 -20.36
N ILE C 193 19.53 -5.28 -21.22
CA ILE C 193 19.64 -3.98 -21.88
C ILE C 193 18.59 -3.89 -22.99
N GLY C 194 17.62 -3.00 -22.82
CA GLY C 194 16.49 -2.93 -23.73
C GLY C 194 16.88 -2.55 -25.15
N SER C 195 17.96 -1.80 -25.29
CA SER C 195 18.41 -1.31 -26.61
C SER C 195 19.93 -1.19 -26.67
N TRP C 196 20.56 -1.97 -27.54
CA TRP C 196 22.02 -1.95 -27.64
C TRP C 196 22.48 -1.41 -28.99
N PRO C 197 23.35 -0.40 -28.97
CA PRO C 197 23.88 0.17 -30.20
C PRO C 197 25.11 -0.59 -30.65
N ASP C 198 25.27 -0.70 -31.97
CA ASP C 198 26.45 -1.32 -32.54
C ASP C 198 26.97 -0.38 -33.61
N PRO C 199 28.19 0.17 -33.43
CA PRO C 199 29.31 0.04 -32.48
C PRO C 199 29.14 -0.70 -31.14
N PRO C 200 29.00 0.01 -29.99
CA PRO C 200 28.61 1.36 -29.64
C PRO C 200 29.74 2.27 -29.14
N GLY C 201 29.35 3.46 -28.67
CA GLY C 201 30.29 4.45 -28.15
C GLY C 201 30.91 4.13 -26.80
N LEU C 202 31.71 5.06 -26.30
CA LEU C 202 32.49 4.88 -25.07
C LEU C 202 31.62 4.64 -23.82
N VAL C 203 30.57 5.45 -23.68
CA VAL C 203 29.65 5.38 -22.55
C VAL C 203 28.91 4.06 -22.51
N ALA C 204 28.29 3.66 -23.63
CA ALA C 204 27.56 2.41 -23.65
C ALA C 204 28.48 1.25 -23.34
N ALA C 205 29.66 1.26 -23.95
CA ALA C 205 30.67 0.21 -23.72
C ALA C 205 31.10 0.16 -22.25
N SER C 206 31.40 1.31 -21.67
CA SER C 206 31.75 1.36 -20.25
C SER C 206 30.60 0.83 -19.38
N ASN C 207 29.39 1.31 -19.65
CA ASN C 207 28.21 0.92 -18.88
C ASN C 207 27.88 -0.56 -18.99
N ARG C 208 27.96 -1.14 -20.18
CA ARG C 208 27.68 -2.54 -20.28
C ARG C 208 28.65 -3.31 -19.38
N SER C 209 29.91 -2.90 -19.42
CA SER C 209 30.94 -3.48 -18.57
C SER C 209 30.65 -3.28 -17.11
N ALA C 210 30.26 -2.07 -16.72
CA ALA C 210 29.89 -1.81 -15.32
C ALA C 210 28.64 -2.61 -14.91
N LEU C 211 27.69 -2.74 -15.83
CA LEU C 211 26.49 -3.49 -15.56
C LEU C 211 26.81 -4.96 -15.28
N ALA C 212 27.67 -5.54 -16.13
CA ALA C 212 28.00 -6.95 -16.00
C ALA C 212 28.78 -7.27 -14.71
N ARG C 213 29.34 -6.25 -14.07
CA ARG C 213 30.06 -6.41 -12.80
C ARG C 213 29.11 -6.46 -11.61
N ILE C 214 27.93 -5.88 -11.75
CA ILE C 214 26.95 -5.88 -10.67
C ILE C 214 25.88 -6.97 -10.79
N ALA C 215 25.63 -7.43 -12.02
CA ALA C 215 24.68 -8.50 -12.22
C ALA C 215 24.96 -9.32 -13.47
N MET C 216 24.15 -10.33 -13.71
CA MET C 216 24.20 -11.05 -14.98
C MET C 216 23.40 -10.26 -16.02
N VAL C 217 24.03 -9.97 -17.16
CA VAL C 217 23.32 -9.44 -18.31
C VAL C 217 22.77 -10.61 -19.15
N ARG C 218 21.47 -10.79 -19.11
CA ARG C 218 20.87 -11.93 -19.79
C ARG C 218 20.80 -11.71 -21.31
N ALA C 219 20.59 -10.46 -21.72
CA ALA C 219 20.55 -10.10 -23.13
C ALA C 219 20.80 -8.63 -23.28
N ALA C 220 21.28 -8.23 -24.46
CA ALA C 220 21.27 -6.82 -24.87
C ALA C 220 20.63 -6.76 -26.25
N LEU C 221 19.39 -6.31 -26.32
CA LEU C 221 18.64 -6.35 -27.57
C LEU C 221 19.15 -5.31 -28.57
N PRO C 222 19.46 -5.74 -29.82
CA PRO C 222 19.92 -4.77 -30.80
C PRO C 222 18.89 -3.68 -30.94
N ALA C 223 19.35 -2.44 -31.13
CA ALA C 223 18.50 -1.31 -31.45
C ALA C 223 17.65 -1.61 -32.69
N GLY C 224 16.45 -1.02 -32.73
CA GLY C 224 15.51 -1.28 -33.82
C GLY C 224 14.92 -2.68 -33.82
N ALA C 225 15.01 -3.37 -32.68
CA ALA C 225 14.44 -4.71 -32.54
C ALA C 225 12.92 -4.64 -32.54
N ALA C 226 12.40 -3.53 -32.06
CA ALA C 226 10.95 -3.33 -31.95
C ALA C 226 10.25 -3.25 -33.30
N SER C 227 11.02 -3.00 -34.36
CA SER C 227 10.43 -2.77 -35.67
C SER C 227 10.46 -4.01 -36.55
N LEU C 228 10.98 -5.11 -36.01
CA LEU C 228 11.11 -6.37 -36.75
C LEU C 228 9.78 -7.09 -36.88
N ASP C 229 9.67 -7.88 -37.95
CA ASP C 229 8.50 -8.73 -38.13
C ASP C 229 8.77 -10.09 -37.49
N ALA C 230 7.69 -10.81 -37.18
CA ALA C 230 7.72 -12.10 -36.45
C ALA C 230 8.94 -12.99 -36.73
N GLY C 231 9.18 -13.30 -38.00
CA GLY C 231 10.26 -14.19 -38.39
C GLY C 231 11.62 -13.72 -37.92
N ASP C 232 11.93 -12.46 -38.22
CA ASP C 232 13.20 -11.84 -37.81
C ASP C 232 13.31 -11.60 -36.29
N PHE C 233 12.20 -11.18 -35.67
CA PHE C 233 12.15 -10.93 -34.24
C PHE C 233 12.38 -12.25 -33.49
N ALA C 234 11.77 -13.33 -33.98
CA ALA C 234 11.96 -14.66 -33.40
C ALA C 234 13.40 -15.15 -33.50
N ALA C 235 14.08 -14.78 -34.57
CA ALA C 235 15.47 -15.17 -34.75
C ALA C 235 16.38 -14.28 -33.89
N MET C 236 16.01 -13.01 -33.78
CA MET C 236 16.77 -12.07 -32.94
C MET C 236 16.68 -12.50 -31.46
N SER C 237 15.48 -12.87 -31.03
CA SER C 237 15.23 -13.35 -29.67
C SER C 237 16.04 -14.61 -29.32
N ALA C 238 16.04 -15.60 -30.21
CA ALA C 238 16.70 -16.88 -29.93
C ALA C 238 18.22 -16.73 -29.82
N ALA C 239 18.75 -15.77 -30.58
CA ALA C 239 20.16 -15.38 -30.53
C ALA C 239 20.50 -14.55 -29.27
N ALA C 240 19.56 -13.71 -28.84
CA ALA C 240 19.82 -12.74 -27.75
C ALA C 240 19.98 -13.38 -26.38
N PHE C 241 19.22 -14.43 -26.12
CA PHE C 241 19.23 -15.10 -24.82
C PHE C 241 19.94 -16.45 -24.86
N ASP C 242 20.70 -16.75 -23.82
CA ASP C 242 21.25 -18.10 -23.64
C ASP C 242 20.09 -19.10 -23.52
N ARG C 243 20.05 -20.08 -24.42
CA ARG C 243 18.94 -21.04 -24.46
C ARG C 243 18.84 -21.83 -23.14
N ASN C 244 19.99 -22.26 -22.62
CA ASN C 244 20.01 -22.99 -21.36
C ASN C 244 19.35 -22.19 -20.24
N TRP C 245 19.63 -20.89 -20.21
CA TRP C 245 19.06 -20.02 -19.19
C TRP C 245 17.54 -19.94 -19.33
N VAL C 246 17.10 -19.68 -20.56
CA VAL C 246 15.68 -19.58 -20.86
C VAL C 246 14.97 -20.85 -20.41
N ALA C 247 15.41 -21.98 -20.94
CA ALA C 247 14.81 -23.28 -20.66
C ALA C 247 14.80 -23.61 -19.16
N GLY C 248 15.74 -23.03 -18.42
CA GLY C 248 15.88 -23.33 -17.00
C GLY C 248 14.99 -22.49 -16.11
N LEU C 249 14.26 -21.55 -16.71
CA LEU C 249 13.33 -20.69 -15.95
C LEU C 249 12.19 -21.48 -15.30
N VAL C 250 11.71 -22.53 -15.98
CA VAL C 250 10.81 -23.51 -15.34
C VAL C 250 11.54 -24.69 -14.68
N THR D 27 23.41 22.42 8.71
CA THR D 27 24.81 22.93 8.49
C THR D 27 25.54 22.24 7.34
N ILE D 28 25.53 20.90 7.29
CA ILE D 28 25.92 20.23 6.01
C ILE D 28 24.74 19.55 5.34
N LEU D 29 24.52 19.90 4.08
CA LEU D 29 23.44 19.36 3.32
C LEU D 29 24.00 18.77 2.04
N VAL D 30 23.86 17.46 1.83
CA VAL D 30 24.22 16.93 0.51
C VAL D 30 23.06 17.17 -0.46
N VAL D 31 23.38 17.54 -1.69
CA VAL D 31 22.35 17.76 -2.69
C VAL D 31 22.52 16.69 -3.76
N THR D 32 21.57 15.76 -3.80
CA THR D 32 21.62 14.66 -4.75
C THR D 32 20.48 14.81 -5.77
N GLY D 33 20.49 13.95 -6.77
CA GLY D 33 19.43 13.91 -7.77
C GLY D 33 18.87 12.52 -8.00
N THR D 34 17.62 12.46 -8.44
CA THR D 34 17.03 11.17 -8.80
C THR D 34 17.82 10.63 -9.99
N GLY D 35 18.57 11.52 -10.62
CA GLY D 35 19.34 11.12 -11.78
C GLY D 35 20.24 12.21 -12.28
N THR D 36 20.63 12.09 -13.55
CA THR D 36 21.53 13.04 -14.21
C THR D 36 20.66 13.94 -15.10
N GLY D 37 21.02 15.22 -15.19
CA GLY D 37 20.28 16.17 -16.06
C GLY D 37 19.01 16.70 -15.43
N VAL D 38 18.96 16.60 -14.10
CA VAL D 38 17.78 16.89 -13.30
C VAL D 38 17.82 18.38 -12.89
N GLY D 39 18.95 19.01 -13.17
CA GLY D 39 19.17 20.43 -12.89
C GLY D 39 19.63 20.67 -11.47
N LYS D 40 20.45 19.78 -10.94
CA LYS D 40 20.77 19.85 -9.51
C LYS D 40 21.82 20.93 -9.20
N THR D 41 22.73 21.19 -10.15
CA THR D 41 23.70 22.30 -10.04
C THR D 41 23.01 23.66 -9.91
N VAL D 42 22.03 23.91 -10.77
CA VAL D 42 21.23 25.14 -10.70
C VAL D 42 20.44 25.24 -9.39
N VAL D 43 20.07 24.09 -8.85
CA VAL D 43 19.42 24.05 -7.54
C VAL D 43 20.37 24.41 -6.39
N CYS D 44 21.62 23.94 -6.46
CA CYS D 44 22.63 24.35 -5.46
C CYS D 44 22.85 25.85 -5.44
N ALA D 45 22.86 26.45 -6.63
CA ALA D 45 23.06 27.88 -6.80
C ALA D 45 21.89 28.67 -6.20
N ALA D 46 20.68 28.18 -6.45
CA ALA D 46 19.44 28.81 -5.99
C ALA D 46 19.31 28.77 -4.50
N LEU D 47 19.57 27.60 -3.92
CA LEU D 47 19.58 27.50 -2.47
C LEU D 47 20.68 28.42 -1.92
N ALA D 48 21.85 28.37 -2.55
CA ALA D 48 22.99 29.15 -2.05
C ALA D 48 22.70 30.65 -2.09
N SER D 49 21.86 31.07 -3.03
CA SER D 49 21.42 32.45 -3.15
C SER D 49 20.37 32.84 -2.12
N ALA D 50 19.35 32.00 -1.96
CA ALA D 50 18.35 32.27 -0.93
C ALA D 50 18.98 32.27 0.45
N ALA D 51 19.99 31.45 0.64
CA ALA D 51 20.64 31.39 1.95
C ALA D 51 21.49 32.64 2.19
N ARG D 52 22.21 33.10 1.17
CA ARG D 52 22.98 34.33 1.30
C ARG D 52 22.07 35.53 1.59
N GLN D 53 20.98 35.63 0.82
CA GLN D 53 20.00 36.68 1.05
C GLN D 53 19.38 36.66 2.44
N ALA D 54 19.27 35.48 3.05
CA ALA D 54 18.82 35.39 4.45
C ALA D 54 19.95 35.71 5.41
N GLY D 55 21.09 36.13 4.86
CA GLY D 55 22.26 36.45 5.67
C GLY D 55 22.95 35.22 6.24
N ILE D 56 22.97 34.13 5.47
CA ILE D 56 23.72 32.94 5.90
C ILE D 56 25.00 32.81 5.06
N ASP D 57 26.09 32.43 5.73
CA ASP D 57 27.33 32.05 5.08
C ASP D 57 27.06 30.72 4.34
N VAL D 58 27.51 30.61 3.08
CA VAL D 58 27.29 29.43 2.27
C VAL D 58 28.61 28.97 1.64
N ALA D 59 28.91 27.68 1.79
CA ALA D 59 29.96 27.02 1.00
C ALA D 59 29.38 25.91 0.11
N VAL D 60 29.90 25.79 -1.09
CA VAL D 60 29.47 24.71 -1.96
C VAL D 60 30.70 23.85 -2.26
N CYS D 61 30.58 22.55 -1.98
CA CYS D 61 31.64 21.58 -2.26
C CYS D 61 31.17 20.64 -3.36
N LYS D 62 31.97 20.50 -4.40
CA LYS D 62 31.74 19.46 -5.40
C LYS D 62 33.03 18.67 -5.62
N PRO D 63 33.20 17.62 -4.83
CA PRO D 63 34.50 16.96 -4.76
C PRO D 63 34.90 16.40 -6.11
N VAL D 64 33.92 15.87 -6.85
CA VAL D 64 34.16 15.24 -8.14
C VAL D 64 33.20 15.76 -9.20
N GLN D 65 33.79 16.12 -10.32
CA GLN D 65 33.11 16.82 -11.40
C GLN D 65 33.61 16.13 -12.67
N THR D 66 32.71 15.86 -13.63
CA THR D 66 33.11 15.40 -14.95
C THR D 66 32.56 16.35 -16.02
N GLY D 67 32.88 16.08 -17.28
CA GLY D 67 32.32 16.83 -18.40
C GLY D 67 32.95 18.19 -18.63
N THR D 68 34.20 18.37 -18.19
CA THR D 68 34.83 19.70 -18.21
C THR D 68 35.28 20.18 -19.59
N ALA D 69 35.59 19.23 -20.47
CA ALA D 69 36.01 19.54 -21.84
C ALA D 69 34.97 20.37 -22.61
N ARG D 70 33.69 20.06 -22.41
CA ARG D 70 32.63 20.81 -23.06
C ARG D 70 32.43 22.19 -22.44
N GLY D 71 32.26 22.23 -21.12
CA GLY D 71 32.05 23.50 -20.44
C GLY D 71 31.62 23.37 -19.00
N ASP D 72 31.47 22.13 -18.55
CA ASP D 72 31.13 21.86 -17.15
C ASP D 72 32.21 22.27 -16.18
N ASP D 73 31.93 23.32 -15.41
CA ASP D 73 32.60 23.55 -14.13
C ASP D 73 31.40 23.94 -13.31
N ASP D 74 30.87 23.00 -12.55
CA ASP D 74 29.65 23.26 -11.80
C ASP D 74 29.88 24.24 -10.67
N LEU D 75 31.12 24.29 -10.17
CA LEU D 75 31.45 25.21 -9.10
C LEU D 75 31.46 26.62 -9.69
N ALA D 76 32.05 26.77 -10.88
CA ALA D 76 32.08 28.08 -11.56
C ALA D 76 30.66 28.57 -11.81
N GLU D 77 29.80 27.67 -12.28
CA GLU D 77 28.38 27.95 -12.45
C GLU D 77 27.72 28.48 -11.17
N VAL D 78 27.99 27.82 -10.04
CA VAL D 78 27.39 28.22 -8.76
C VAL D 78 27.92 29.61 -8.37
N GLY D 79 29.21 29.83 -8.59
CA GLY D 79 29.83 31.11 -8.30
C GLY D 79 29.21 32.21 -9.17
N ARG D 80 29.12 31.94 -10.46
CA ARG D 80 28.49 32.83 -11.46
C ARG D 80 27.08 33.27 -11.06
N LEU D 81 26.24 32.28 -10.75
CA LEU D 81 24.84 32.54 -10.49
C LEU D 81 24.52 33.10 -9.11
N ALA D 82 25.16 32.56 -8.06
CA ALA D 82 24.82 32.93 -6.68
C ALA D 82 25.88 33.80 -6.03
N GLY D 83 26.96 34.05 -6.75
CA GLY D 83 28.11 34.76 -6.18
C GLY D 83 28.69 34.10 -4.93
N VAL D 84 28.55 32.78 -4.82
CA VAL D 84 29.17 32.05 -3.72
C VAL D 84 30.66 32.06 -3.98
N THR D 85 31.42 32.02 -2.90
CA THR D 85 32.83 32.32 -2.97
C THR D 85 33.66 31.15 -2.42
N GLN D 86 33.15 30.51 -1.37
CA GLN D 86 33.75 29.27 -0.87
C GLN D 86 33.30 28.08 -1.75
N LEU D 87 34.15 27.70 -2.69
CA LEU D 87 33.82 26.80 -3.80
C LEU D 87 34.92 25.76 -3.86
N ALA D 88 34.63 24.56 -3.36
CA ALA D 88 35.67 23.58 -3.06
C ALA D 88 35.54 22.26 -3.86
N GLY D 89 36.62 21.80 -4.49
CA GLY D 89 36.59 20.51 -5.15
C GLY D 89 37.93 19.84 -5.16
N LEU D 90 37.97 18.59 -5.64
CA LEU D 90 39.19 17.78 -5.63
C LEU D 90 39.59 17.29 -7.02
N ALA D 91 38.61 17.04 -7.88
CA ALA D 91 38.89 16.39 -9.17
C ALA D 91 37.92 16.80 -10.25
N ARG D 92 38.43 16.89 -11.48
CA ARG D 92 37.63 17.20 -12.65
C ARG D 92 38.14 16.36 -13.81
N TYR D 93 37.22 15.66 -14.48
CA TYR D 93 37.58 14.78 -15.58
C TYR D 93 36.92 15.31 -16.84
N PRO D 94 37.67 15.33 -17.95
CA PRO D 94 37.14 15.98 -19.14
C PRO D 94 35.99 15.21 -19.80
N GLN D 95 36.00 13.88 -19.70
CA GLN D 95 34.95 13.06 -20.31
C GLN D 95 33.60 13.21 -19.62
N PRO D 96 32.53 13.28 -20.40
CA PRO D 96 31.23 13.33 -19.75
C PRO D 96 30.72 11.92 -19.47
N MET D 97 31.36 11.25 -18.52
CA MET D 97 30.85 9.96 -18.02
C MET D 97 30.81 9.93 -16.50
N ALA D 98 30.32 8.82 -15.96
CA ALA D 98 30.40 8.56 -14.53
C ALA D 98 31.86 8.71 -14.11
N PRO D 99 32.09 9.33 -12.95
CA PRO D 99 33.42 9.51 -12.38
C PRO D 99 34.33 8.27 -12.49
N ALA D 100 33.81 7.07 -12.20
CA ALA D 100 34.68 5.89 -12.19
C ALA D 100 35.20 5.56 -13.58
N ALA D 101 34.37 5.88 -14.58
CA ALA D 101 34.68 5.61 -15.97
C ALA D 101 35.51 6.74 -16.56
N ALA D 102 35.09 7.98 -16.30
CA ALA D 102 35.91 9.13 -16.64
C ALA D 102 37.34 8.92 -16.09
N ALA D 103 37.44 8.44 -14.86
CA ALA D 103 38.74 8.22 -14.22
C ALA D 103 39.56 7.16 -14.96
N GLU D 104 38.97 5.99 -15.19
CA GLU D 104 39.57 4.93 -15.99
C GLU D 104 39.90 5.37 -17.46
N HIS D 105 39.06 6.19 -18.07
CA HIS D 105 39.35 6.69 -19.42
C HIS D 105 40.55 7.64 -19.40
N ALA D 106 40.75 8.29 -18.25
CA ALA D 106 41.83 9.25 -18.07
C ALA D 106 43.10 8.56 -17.55
N GLY D 107 42.93 7.38 -16.97
CA GLY D 107 44.05 6.65 -16.39
C GLY D 107 44.48 7.23 -15.06
N MET D 108 43.59 8.02 -14.46
CA MET D 108 43.88 8.69 -13.20
C MET D 108 42.82 8.39 -12.14
N ALA D 109 43.20 7.68 -11.09
CA ALA D 109 42.24 7.24 -10.06
C ALA D 109 41.30 8.35 -9.56
N LEU D 110 40.26 7.95 -8.83
CA LEU D 110 39.37 8.90 -8.18
C LEU D 110 39.98 9.25 -6.81
N PRO D 111 39.55 10.36 -6.19
CA PRO D 111 39.93 10.70 -4.83
C PRO D 111 39.55 9.58 -3.87
N ALA D 112 40.09 9.60 -2.66
CA ALA D 112 39.75 8.62 -1.62
C ALA D 112 38.61 9.14 -0.77
N ARG D 113 37.88 8.23 -0.12
CA ARG D 113 36.73 8.58 0.73
C ARG D 113 37.07 9.56 1.85
N ASP D 114 38.18 9.30 2.55
CA ASP D 114 38.56 10.09 3.69
C ASP D 114 38.95 11.52 3.25
N GLN D 115 39.56 11.61 2.07
CA GLN D 115 39.88 12.86 1.41
C GLN D 115 38.62 13.71 1.20
N ILE D 116 37.57 13.07 0.72
CA ILE D 116 36.33 13.78 0.44
C ILE D 116 35.67 14.26 1.73
N VAL D 117 35.55 13.37 2.70
CA VAL D 117 34.88 13.75 3.95
C VAL D 117 35.71 14.76 4.74
N ARG D 118 37.04 14.64 4.71
CA ARG D 118 37.87 15.58 5.45
C ARG D 118 37.77 16.99 4.81
N LEU D 119 37.72 17.05 3.48
CA LEU D 119 37.48 18.33 2.79
C LEU D 119 36.17 18.97 3.25
N ILE D 120 35.09 18.22 3.17
CA ILE D 120 33.79 18.73 3.52
C ILE D 120 33.78 19.20 4.97
N ALA D 121 34.39 18.42 5.85
CA ALA D 121 34.32 18.68 7.29
C ALA D 121 35.07 19.96 7.66
N ASP D 122 36.22 20.17 7.04
CA ASP D 122 36.96 21.43 7.15
C ASP D 122 36.17 22.65 6.68
N LEU D 123 35.22 22.48 5.76
CA LEU D 123 34.45 23.64 5.34
C LEU D 123 33.48 24.12 6.41
N ASP D 124 33.30 23.34 7.46
CA ASP D 124 32.26 23.70 8.43
C ASP D 124 32.62 24.85 9.36
N ARG D 125 31.75 25.86 9.37
CA ARG D 125 31.92 27.06 10.19
C ARG D 125 30.59 27.33 10.88
N PRO D 126 30.64 27.68 12.17
CA PRO D 126 29.53 28.29 12.90
C PRO D 126 28.73 29.24 12.02
N GLY D 127 27.41 29.02 11.95
CA GLY D 127 26.53 29.84 11.12
C GLY D 127 26.73 29.70 9.64
N ARG D 128 27.35 28.59 9.22
CA ARG D 128 27.54 28.34 7.79
C ARG D 128 26.72 27.15 7.29
N LEU D 129 26.08 27.34 6.14
CA LEU D 129 25.41 26.26 5.45
C LEU D 129 26.39 25.71 4.42
N THR D 130 26.73 24.42 4.52
CA THR D 130 27.58 23.80 3.51
C THR D 130 26.79 22.82 2.64
N LEU D 131 26.73 23.11 1.34
CA LEU D 131 26.11 22.22 0.37
C LEU D 131 27.17 21.34 -0.30
N VAL D 132 26.88 20.05 -0.40
CA VAL D 132 27.74 19.10 -1.09
C VAL D 132 26.99 18.52 -2.27
N GLU D 133 27.43 18.89 -3.48
CA GLU D 133 26.83 18.41 -4.70
C GLU D 133 27.49 17.13 -5.19
N GLY D 134 26.70 16.09 -5.36
CA GLY D 134 27.26 14.83 -5.79
C GLY D 134 27.33 14.93 -7.30
N ALA D 135 27.89 13.93 -7.93
CA ALA D 135 27.89 13.85 -9.36
C ALA D 135 26.77 12.87 -9.71
N GLY D 136 25.78 13.36 -10.46
CA GLY D 136 24.60 12.58 -10.85
C GLY D 136 23.75 12.16 -9.67
N GLY D 137 23.24 10.93 -9.72
CA GLY D 137 22.35 10.37 -8.70
C GLY D 137 23.04 9.84 -7.45
N LEU D 138 22.24 9.36 -6.50
CA LEU D 138 22.73 9.08 -5.15
C LEU D 138 23.77 7.95 -5.04
N LEU D 139 23.75 7.01 -5.97
CA LEU D 139 24.54 5.80 -5.82
C LEU D 139 25.69 5.73 -6.80
N VAL D 140 25.87 6.79 -7.59
CA VAL D 140 27.08 7.00 -8.35
C VAL D 140 28.32 6.88 -7.46
N GLU D 141 29.32 6.12 -7.90
CA GLU D 141 30.60 6.02 -7.20
C GLU D 141 31.40 7.31 -7.32
N LEU D 142 31.72 7.90 -6.17
CA LEU D 142 32.48 9.15 -6.10
C LEU D 142 33.91 8.91 -5.67
N ALA D 143 34.10 7.89 -4.83
CA ALA D 143 35.44 7.59 -4.34
C ALA D 143 35.84 6.13 -4.48
N GLU D 144 37.15 5.93 -4.55
CA GLU D 144 37.78 4.63 -4.36
C GLU D 144 37.56 4.23 -2.89
N PRO D 145 37.01 3.02 -2.63
CA PRO D 145 36.43 1.96 -3.46
C PRO D 145 34.90 1.79 -3.37
N GLY D 146 34.20 2.19 -4.43
CA GLY D 146 32.74 2.07 -4.50
C GLY D 146 31.98 2.95 -3.53
N VAL D 147 32.57 4.06 -3.11
CA VAL D 147 31.89 4.90 -2.12
C VAL D 147 31.00 5.96 -2.76
N THR D 148 29.85 6.20 -2.14
CA THR D 148 28.85 7.06 -2.75
C THR D 148 28.61 8.31 -1.92
N LEU D 149 27.80 9.22 -2.45
CA LEU D 149 27.36 10.40 -1.71
C LEU D 149 26.58 10.04 -0.45
N ARG D 150 25.96 8.88 -0.48
CA ARG D 150 25.22 8.38 0.67
C ARG D 150 26.21 8.03 1.80
N ASP D 151 27.32 7.39 1.44
CA ASP D 151 28.39 7.12 2.40
C ASP D 151 28.94 8.40 3.01
N VAL D 152 29.25 9.38 2.18
CA VAL D 152 29.70 10.70 2.63
C VAL D 152 28.74 11.38 3.61
N ALA D 153 27.44 11.40 3.28
CA ALA D 153 26.40 11.94 4.15
C ALA D 153 26.39 11.31 5.50
N VAL D 154 26.49 10.00 5.52
CA VAL D 154 26.59 9.26 6.78
C VAL D 154 27.82 9.71 7.57
N ASP D 155 28.98 9.77 6.93
CA ASP D 155 30.21 10.16 7.62
C ASP D 155 30.25 11.57 8.23
N VAL D 156 29.47 12.48 7.66
CA VAL D 156 29.48 13.88 8.11
C VAL D 156 28.17 14.22 8.75
N ALA D 157 27.31 13.22 8.88
CA ALA D 157 25.99 13.36 9.53
C ALA D 157 25.13 14.40 8.84
N ALA D 158 25.11 14.33 7.51
CA ALA D 158 24.42 15.29 6.67
C ALA D 158 23.06 14.75 6.29
N ALA D 159 22.10 15.65 6.15
CA ALA D 159 20.81 15.36 5.53
C ALA D 159 20.95 15.48 4.02
N ALA D 160 20.01 14.86 3.30
CA ALA D 160 20.02 14.99 1.85
C ALA D 160 18.80 15.74 1.35
N LEU D 161 19.04 16.67 0.44
CA LEU D 161 17.99 17.31 -0.32
C LEU D 161 18.03 16.66 -1.69
N VAL D 162 16.85 16.24 -2.17
CA VAL D 162 16.75 15.45 -3.39
C VAL D 162 16.21 16.28 -4.56
N VAL D 163 16.99 16.41 -5.62
CA VAL D 163 16.53 17.15 -6.81
C VAL D 163 15.83 16.22 -7.80
N VAL D 164 14.61 16.57 -8.18
CA VAL D 164 13.75 15.75 -9.02
C VAL D 164 13.26 16.48 -10.29
N THR D 165 12.73 15.72 -11.25
CA THR D 165 12.05 16.33 -12.41
C THR D 165 10.54 16.33 -12.18
N ALA D 166 9.81 16.97 -13.09
CA ALA D 166 8.35 16.92 -13.05
C ALA D 166 7.79 15.96 -14.14
N ASP D 167 8.71 15.34 -14.89
CA ASP D 167 8.40 14.43 -15.99
C ASP D 167 7.84 13.07 -15.53
N LEU D 168 7.18 12.39 -16.46
CA LEU D 168 6.77 10.99 -16.30
C LEU D 168 8.01 10.17 -15.93
N GLY D 169 7.96 9.44 -14.83
CA GLY D 169 9.13 8.68 -14.39
C GLY D 169 9.60 9.11 -13.03
N THR D 170 9.32 10.36 -12.67
CA THR D 170 9.80 10.94 -11.43
C THR D 170 9.36 10.28 -10.14
N LEU D 171 8.10 9.84 -10.04
CA LEU D 171 7.65 9.25 -8.78
C LEU D 171 8.44 7.97 -8.48
N ASN D 172 8.63 7.12 -9.48
CA ASN D 172 9.44 5.93 -9.27
C ASN D 172 10.88 6.25 -8.88
N HIS D 173 11.52 7.15 -9.64
CA HIS D 173 12.86 7.61 -9.29
C HIS D 173 12.99 8.30 -7.93
N THR D 174 12.04 9.16 -7.62
CA THR D 174 11.98 9.81 -6.34
C THR D 174 11.89 8.76 -5.22
N LYS D 175 10.81 7.99 -5.20
CA LYS D 175 10.61 6.95 -4.18
C LYS D 175 11.82 6.01 -4.00
N LEU D 176 12.42 5.58 -5.11
CA LEU D 176 13.64 4.77 -5.10
C LEU D 176 14.77 5.46 -4.35
N THR D 177 14.92 6.77 -4.60
CA THR D 177 16.02 7.51 -3.99
C THR D 177 15.74 7.71 -2.50
N LEU D 178 14.50 8.04 -2.16
CA LEU D 178 14.09 8.24 -0.78
C LEU D 178 14.26 6.97 0.04
N GLU D 179 14.08 5.82 -0.60
CA GLU D 179 14.19 4.54 0.08
C GLU D 179 15.65 4.14 0.32
N ALA D 180 16.50 4.39 -0.66
CA ALA D 180 17.95 4.25 -0.54
C ALA D 180 18.55 5.13 0.57
N LEU D 181 18.00 6.34 0.73
CA LEU D 181 18.37 7.23 1.85
C LEU D 181 17.92 6.65 3.22
N ALA D 182 16.66 6.25 3.31
CA ALA D 182 16.14 5.66 4.54
C ALA D 182 16.88 4.38 4.96
N ALA D 183 17.43 3.68 3.97
CA ALA D 183 18.12 2.40 4.20
C ALA D 183 19.42 2.54 5.02
N GLN D 184 20.05 3.71 4.89
CA GLN D 184 21.29 4.02 5.59
C GLN D 184 20.98 5.05 6.66
N GLN D 185 19.71 5.41 6.80
CA GLN D 185 19.31 6.29 7.88
C GLN D 185 19.79 7.73 7.64
N VAL D 186 19.93 8.10 6.38
CA VAL D 186 20.22 9.48 6.03
C VAL D 186 18.91 10.26 5.99
N SER D 187 18.83 11.30 6.79
CA SER D 187 17.65 12.17 6.82
C SER D 187 17.38 12.89 5.50
N ALA D 189 16.03 16.03 3.67
CA ALA D 189 15.76 17.44 3.92
C ALA D 189 14.60 17.93 3.03
N GLY D 190 14.17 17.09 2.08
CA GLY D 190 13.08 17.43 1.16
C GLY D 190 13.44 17.32 -0.31
N LEU D 191 12.54 17.81 -1.15
CA LEU D 191 12.60 17.71 -2.61
C LEU D 191 12.71 19.07 -3.21
N VAL D 192 13.31 19.13 -4.39
CA VAL D 192 13.24 20.32 -5.22
C VAL D 192 13.05 19.93 -6.65
N ILE D 193 12.00 20.46 -7.28
CA ILE D 193 11.83 20.31 -8.71
C ILE D 193 12.83 21.19 -9.43
N GLY D 194 13.74 20.56 -10.16
CA GLY D 194 14.85 21.27 -10.78
C GLY D 194 14.42 22.22 -11.87
N SER D 195 13.34 21.87 -12.55
CA SER D 195 12.82 22.66 -13.66
C SER D 195 11.31 22.50 -13.70
N TRP D 196 10.61 23.63 -13.61
CA TRP D 196 9.17 23.65 -13.54
C TRP D 196 8.60 24.41 -14.74
N PRO D 197 7.93 23.67 -15.66
CA PRO D 197 7.51 24.17 -16.97
C PRO D 197 6.37 25.21 -16.89
N ASP D 198 6.24 26.00 -17.94
CA ASP D 198 5.21 27.03 -18.01
C ASP D 198 4.59 27.13 -19.40
N PRO D 199 3.28 26.87 -19.50
CA PRO D 199 2.45 26.45 -18.38
C PRO D 199 2.70 24.95 -18.16
N PRO D 200 2.33 24.41 -16.97
CA PRO D 200 2.61 22.99 -16.77
C PRO D 200 2.00 22.08 -17.86
N GLY D 201 1.44 20.96 -17.44
CA GLY D 201 0.94 19.93 -18.35
C GLY D 201 0.20 19.03 -17.40
N LEU D 202 -0.54 18.06 -17.91
CA LEU D 202 -1.26 17.20 -16.99
C LEU D 202 -0.28 16.40 -16.16
N VAL D 203 0.70 15.80 -16.83
CA VAL D 203 1.69 14.98 -16.13
C VAL D 203 2.45 15.81 -15.07
N ALA D 204 2.97 16.97 -15.46
CA ALA D 204 3.76 17.80 -14.56
C ALA D 204 2.91 18.24 -13.38
N ALA D 205 1.72 18.75 -13.70
CA ALA D 205 0.78 19.21 -12.67
C ALA D 205 0.41 18.14 -11.65
N SER D 206 0.13 16.90 -12.09
CA SER D 206 -0.23 15.82 -11.14
C SER D 206 0.98 15.30 -10.38
N ASN D 207 2.11 15.26 -11.08
CA ASN D 207 3.40 14.97 -10.44
C ASN D 207 3.77 15.93 -9.29
N ARG D 208 3.51 17.23 -9.44
CA ARG D 208 3.83 18.15 -8.37
C ARG D 208 2.90 17.87 -7.23
N SER D 209 1.68 17.51 -7.60
CA SER D 209 0.69 17.13 -6.62
C SER D 209 1.15 15.85 -5.95
N ALA D 210 1.62 14.89 -6.76
CA ALA D 210 1.96 13.58 -6.24
C ALA D 210 3.21 13.65 -5.36
N LEU D 211 4.24 14.37 -5.82
CA LEU D 211 5.45 14.54 -5.03
C LEU D 211 5.16 15.14 -3.64
N ALA D 212 4.18 16.05 -3.55
CA ALA D 212 3.88 16.74 -2.28
C ALA D 212 3.25 15.82 -1.24
N ARG D 213 2.64 14.74 -1.70
CA ARG D 213 2.12 13.74 -0.77
C ARG D 213 3.20 12.74 -0.31
N ILE D 214 4.27 12.57 -1.08
CA ILE D 214 5.36 11.71 -0.60
C ILE D 214 6.31 12.48 0.32
N ALA D 215 6.64 13.71 -0.06
CA ALA D 215 7.55 14.52 0.75
C ALA D 215 7.31 16.02 0.61
N MET D 216 7.95 16.80 1.48
CA MET D 216 7.88 18.25 1.39
C MET D 216 8.64 18.72 0.17
N VAL D 217 7.95 19.44 -0.71
CA VAL D 217 8.56 20.09 -1.86
C VAL D 217 9.08 21.47 -1.42
N ARG D 218 10.39 21.65 -1.49
CA ARG D 218 11.02 22.83 -0.91
C ARG D 218 11.04 24.04 -1.84
N ALA D 219 11.17 23.78 -3.13
CA ALA D 219 11.02 24.81 -4.13
C ALA D 219 10.78 24.10 -5.45
N ALA D 220 10.35 24.85 -6.47
CA ALA D 220 10.29 24.33 -7.82
C ALA D 220 10.73 25.44 -8.74
N LEU D 221 11.93 25.29 -9.28
CA LEU D 221 12.59 26.38 -10.00
C LEU D 221 12.07 26.55 -11.43
N PRO D 222 11.64 27.79 -11.77
CA PRO D 222 11.21 28.15 -13.11
C PRO D 222 12.13 27.56 -14.17
N ALA D 223 11.56 27.10 -15.28
CA ALA D 223 12.37 26.54 -16.35
C ALA D 223 13.47 27.52 -16.80
N GLY D 224 13.22 28.82 -16.64
CA GLY D 224 14.22 29.84 -16.97
C GLY D 224 15.56 29.73 -16.23
N ALA D 225 15.48 29.55 -14.91
CA ALA D 225 16.61 29.74 -13.97
C ALA D 225 18.06 29.69 -14.50
N ALA D 226 18.46 28.62 -15.16
CA ALA D 226 19.83 28.47 -15.66
C ALA D 226 20.33 29.65 -16.52
N SER D 227 19.45 30.61 -16.80
CA SER D 227 19.79 31.69 -17.71
C SER D 227 19.44 33.08 -17.20
N LEU D 228 18.98 33.16 -15.95
CA LEU D 228 18.87 34.45 -15.27
C LEU D 228 20.27 35.05 -15.05
N ASP D 229 20.34 36.34 -14.72
CA ASP D 229 21.61 37.05 -14.89
C ASP D 229 22.48 37.24 -13.64
N ALA D 230 21.83 37.49 -12.51
CA ALA D 230 22.52 37.77 -11.25
C ALA D 230 21.48 38.25 -10.27
N GLY D 231 20.91 39.42 -10.57
CA GLY D 231 19.82 39.97 -9.78
C GLY D 231 18.54 39.18 -9.96
N ASP D 232 18.26 38.75 -11.20
CA ASP D 232 17.07 37.96 -11.49
C ASP D 232 17.16 36.62 -10.77
N PHE D 233 18.23 35.89 -11.05
CA PHE D 233 18.50 34.64 -10.34
C PHE D 233 18.33 34.80 -8.83
N ALA D 234 18.99 35.81 -8.27
CA ALA D 234 18.84 36.11 -6.87
C ALA D 234 17.37 36.31 -6.53
N ALA D 235 16.64 37.00 -7.40
CA ALA D 235 15.21 37.26 -7.20
C ALA D 235 14.42 35.95 -7.29
N MET D 236 14.69 35.19 -8.34
CA MET D 236 14.04 33.89 -8.53
C MET D 236 14.28 32.99 -7.32
N SER D 237 15.54 32.86 -6.88
CA SER D 237 15.90 32.00 -5.75
C SER D 237 15.27 32.49 -4.47
N ALA D 238 15.24 33.81 -4.35
CA ALA D 238 14.69 34.46 -3.17
C ALA D 238 13.21 34.11 -3.03
N ALA D 239 12.51 34.08 -4.15
CA ALA D 239 11.10 33.72 -4.18
C ALA D 239 10.89 32.21 -4.20
N ALA D 240 11.83 31.48 -4.80
CA ALA D 240 11.73 30.02 -4.96
C ALA D 240 11.55 29.25 -3.65
N PHE D 241 12.33 29.60 -2.63
CA PHE D 241 12.32 28.88 -1.35
C PHE D 241 11.52 29.56 -0.23
N ASP D 242 11.23 28.80 0.82
CA ASP D 242 10.58 29.33 2.03
C ASP D 242 11.59 29.90 3.04
N ARG D 243 11.58 31.22 3.17
CA ARG D 243 12.43 31.97 4.12
C ARG D 243 12.72 31.30 5.47
N ASN D 244 11.67 30.86 6.14
CA ASN D 244 11.82 30.29 7.46
C ASN D 244 12.39 28.89 7.45
N TRP D 245 12.31 28.22 6.30
CA TRP D 245 12.85 26.88 6.20
C TRP D 245 14.35 26.98 6.04
N VAL D 246 14.78 27.84 5.11
CA VAL D 246 16.20 27.97 4.83
C VAL D 246 16.96 28.61 5.99
N ALA D 247 16.27 29.39 6.80
CA ALA D 247 16.87 29.99 8.00
C ALA D 247 17.09 28.95 9.09
N GLY D 248 16.16 28.02 9.22
CA GLY D 248 16.25 26.98 10.24
C GLY D 248 17.22 25.89 9.83
N LEU D 249 17.83 26.06 8.66
CA LEU D 249 18.90 25.19 8.22
C LEU D 249 20.12 25.27 9.16
N VAL D 250 20.55 26.48 9.50
CA VAL D 250 21.69 26.66 10.41
C VAL D 250 21.22 27.04 11.83
#